data_3HO1
#
_entry.id   3HO1
#
_cell.length_a   122.928
_cell.length_b   118.531
_cell.length_c   59.533
_cell.angle_alpha   90.000
_cell.angle_beta   114.910
_cell.angle_gamma   90.000
#
_symmetry.space_group_name_H-M   'C 1 2 1'
#
loop_
_entity.id
_entity.type
_entity.pdbx_description
1 polymer argonaute
2 polymer "5'-D(P*TP*GP*AP*GP*GP*TP*AP*GP*TP*AP*GP*GP*TP*TP*GP*TP*AP*T*AP*GP*T)-3'"
3 polymer "5'-R(P*CP*CP*UP*AP*CP*UP*AP*CP*CP*UP*CP*G)-3'"
4 non-polymer 'MAGNESIUM ION'
5 water water
#
loop_
_entity_poly.entity_id
_entity_poly.type
_entity_poly.pdbx_seq_one_letter_code
_entity_poly.pdbx_strand_id
1 'polypeptide(L)'
;MNHLGKTEVFLNRFALRPLNPEELRPWRLEVVLDPPPGREEVYPLLAQVARRAGGVTVRMGDGLASWSPPEVLVLEGTLA
RMGQTYAYRLYPKGRRPLDPKDPGERSVLSALARRLLQERLRRLEGVWVEGLAVYRREHARGPGWRVLGGAVLDLWVSDS
GAFLLEVDPAYRILCEMSLEAWLAQGHPLPKRVRNAYDRRTWELLRLGEEDPKELPLPGGLSLLDYHASKGRLQGREGGR
VAWVADPKDPRKPIPHLTGLLVPVLTLEDLHEEEGSLALSLPWEERRRRTREIASWIGRRLGLGTPEAVRAQAYRLSIPK
LMGRRAVSKPADALRVGFYRAQETALALLRLDGAQGWPEFLRRALLRAFGASGASLRLHTLHAHPSQGLAFREALRKAKE
EGVQAVLVLTPPMAWEDRNRLKALLLREGLPSQILNVPLREEERHRWENALLGLLAKAGLQVVALSGAYPAELAVGFDAG
GRESFRFGGAACAVGGDGGHLLWTLPEAQAGERIPQEVVWDLLEETLWAFRRKAGRLPSRVLLLRNGRVPQDEFALALEA
LAREGIAYDLVSVRKSGGGRVYPVQGRLADGLYVPLEDKTFLLLTVHRDFRGTPRPLKLVHEAGDTPLEALAHQIFHLTR
LYPASGFAFPRLPAPLHLADRLVKEVGRLGIRHLKEVDREKLFFV
;
A
2 'polydeoxyribonucleotide'
;(DT)(DG)(DA)(DG)(DG)(DT)(DA)(DG)(DT)(DA)(DG)(DG)(DT)(DT)(DG)(DT)(DA)(DT)(DA)(DG)
(DT)
;
X
3 'polyribonucleotide' CCUACUACCUCG Y
#
loop_
_chem_comp.id
_chem_comp.type
_chem_comp.name
_chem_comp.formula
A RNA linking ADENOSINE-5'-MONOPHOSPHATE 'C10 H14 N5 O7 P'
C RNA linking CYTIDINE-5'-MONOPHOSPHATE 'C9 H14 N3 O8 P'
DA DNA linking 2'-DEOXYADENOSINE-5'-MONOPHOSPHATE 'C10 H14 N5 O6 P'
DG DNA linking 2'-DEOXYGUANOSINE-5'-MONOPHOSPHATE 'C10 H14 N5 O7 P'
DT DNA linking THYMIDINE-5'-MONOPHOSPHATE 'C10 H15 N2 O8 P'
G RNA linking GUANOSINE-5'-MONOPHOSPHATE 'C10 H14 N5 O8 P'
MG non-polymer 'MAGNESIUM ION' 'Mg 2'
U RNA linking URIDINE-5'-MONOPHOSPHATE 'C9 H13 N2 O9 P'
#
# COMPACT_ATOMS: atom_id res chain seq x y z
N ASN A 2 8.87 -24.53 -20.05
CA ASN A 2 9.75 -23.78 -20.99
C ASN A 2 9.56 -22.30 -20.73
N HIS A 3 9.17 -21.60 -21.78
CA HIS A 3 9.01 -20.17 -21.65
C HIS A 3 8.35 -19.65 -22.90
N LEU A 4 7.54 -18.63 -22.79
CA LEU A 4 6.97 -18.16 -24.01
C LEU A 4 7.29 -16.72 -24.02
N GLY A 5 6.57 -16.07 -24.93
CA GLY A 5 6.66 -14.66 -25.18
C GLY A 5 7.90 -13.81 -24.94
N LYS A 6 8.08 -12.86 -25.85
CA LYS A 6 9.16 -11.89 -25.76
C LYS A 6 8.57 -10.65 -26.42
N THR A 7 8.61 -9.53 -25.70
CA THR A 7 8.05 -8.28 -26.19
C THR A 7 8.96 -7.17 -25.73
N GLU A 8 8.81 -6.00 -26.33
CA GLU A 8 9.63 -4.86 -25.89
C GLU A 8 8.67 -3.85 -25.31
N VAL A 9 9.15 -3.10 -24.33
CA VAL A 9 8.31 -2.10 -23.69
C VAL A 9 9.09 -0.83 -23.41
N PHE A 10 8.37 0.20 -22.99
CA PHE A 10 8.96 1.47 -22.62
C PHE A 10 8.69 1.53 -21.14
N LEU A 11 9.62 2.09 -20.39
CA LEU A 11 9.42 2.28 -18.97
C LEU A 11 9.19 3.78 -18.87
N ASN A 12 8.42 4.25 -17.90
CA ASN A 12 8.19 5.68 -17.80
C ASN A 12 9.42 6.41 -17.27
N ARG A 13 10.58 5.90 -17.68
CA ARG A 13 11.89 6.45 -17.33
C ARG A 13 12.48 7.05 -18.58
N PHE A 14 13.30 8.07 -18.41
CA PHE A 14 13.92 8.70 -19.56
C PHE A 14 15.37 8.94 -19.23
N ALA A 15 16.24 8.37 -20.06
CA ALA A 15 17.68 8.51 -19.87
C ALA A 15 18.11 9.92 -20.20
N LEU A 16 19.08 10.43 -19.45
CA LEU A 16 19.58 11.77 -19.67
C LEU A 16 21.11 11.81 -19.66
N ARG A 17 21.64 13.03 -19.65
CA ARG A 17 23.07 13.29 -19.67
C ARG A 17 23.85 12.61 -18.55
N PRO A 18 24.98 11.95 -18.90
CA PRO A 18 25.80 11.29 -17.90
C PRO A 18 26.37 12.33 -16.93
N LEU A 19 26.44 12.00 -15.66
CA LEU A 19 26.96 12.94 -14.69
C LEU A 19 28.38 13.36 -15.04
N ASN A 20 28.63 14.67 -14.97
CA ASN A 20 29.96 15.18 -15.28
C ASN A 20 30.82 15.15 -14.03
N PRO A 21 32.15 15.14 -14.21
CA PRO A 21 33.18 15.12 -13.17
C PRO A 21 32.88 15.90 -11.90
N GLU A 22 32.34 17.10 -12.03
CA GLU A 22 32.04 17.92 -10.86
C GLU A 22 30.90 17.36 -9.99
N GLU A 23 29.95 16.70 -10.62
CA GLU A 23 28.82 16.12 -9.90
C GLU A 23 29.20 14.81 -9.21
N LEU A 24 30.04 14.02 -9.87
CA LEU A 24 30.47 12.74 -9.31
C LEU A 24 31.35 12.92 -8.08
N ARG A 25 31.73 14.16 -7.79
CA ARG A 25 32.59 14.44 -6.65
C ARG A 25 32.04 15.60 -5.83
N PRO A 26 30.81 15.46 -5.33
CA PRO A 26 30.17 16.51 -4.54
C PRO A 26 31.02 17.08 -3.41
N TRP A 27 30.80 18.36 -3.10
CA TRP A 27 31.53 19.01 -2.01
C TRP A 27 31.07 18.33 -0.73
N ARG A 28 31.99 18.15 0.21
CA ARG A 28 31.68 17.47 1.45
C ARG A 28 31.74 18.42 2.64
N LEU A 29 30.58 18.81 3.17
CA LEU A 29 30.53 19.70 4.32
C LEU A 29 30.34 18.94 5.62
N GLU A 30 30.76 19.58 6.70
CA GLU A 30 30.65 18.98 8.02
C GLU A 30 29.73 19.84 8.89
N VAL A 31 28.90 19.18 9.69
CA VAL A 31 27.94 19.86 10.55
C VAL A 31 28.31 19.82 12.03
N VAL A 32 28.13 20.95 12.69
CA VAL A 32 28.40 21.05 14.12
C VAL A 32 27.13 21.61 14.75
N LEU A 33 26.58 20.88 15.71
CA LEU A 33 25.35 21.31 16.37
C LEU A 33 25.58 21.82 17.78
N ASP A 34 24.58 22.53 18.30
CA ASP A 34 24.66 23.11 19.63
C ASP A 34 23.25 23.35 20.15
N PRO A 35 22.82 22.60 21.17
CA PRO A 35 23.56 21.55 21.89
C PRO A 35 23.59 20.24 21.10
N PRO A 36 24.38 19.27 21.54
CA PRO A 36 24.42 18.01 20.81
C PRO A 36 22.99 17.54 20.52
N PRO A 37 22.77 16.87 19.37
CA PRO A 37 21.45 16.37 18.95
C PRO A 37 20.73 15.38 19.86
N GLY A 38 21.25 14.16 19.90
CA GLY A 38 20.63 13.10 20.67
C GLY A 38 20.61 11.91 19.74
N ARG A 39 21.20 10.80 20.16
CA ARG A 39 21.31 9.58 19.35
C ARG A 39 20.30 9.43 18.20
N GLU A 40 19.01 9.56 18.49
CA GLU A 40 17.99 9.39 17.45
C GLU A 40 17.57 10.64 16.66
N GLU A 41 17.89 11.83 17.16
CA GLU A 41 17.52 13.08 16.50
C GLU A 41 18.50 13.58 15.45
N VAL A 42 19.72 13.06 15.46
CA VAL A 42 20.75 13.47 14.53
C VAL A 42 20.43 13.40 13.03
N TYR A 43 20.01 12.24 12.54
CA TYR A 43 19.70 12.09 11.11
C TYR A 43 18.68 13.07 10.55
N PRO A 44 17.50 13.17 11.17
CA PRO A 44 16.48 14.12 10.67
C PRO A 44 16.93 15.57 10.84
N LEU A 45 17.67 15.84 11.91
CA LEU A 45 18.17 17.18 12.17
C LEU A 45 19.08 17.66 11.06
N LEU A 46 19.93 16.76 10.55
CA LEU A 46 20.86 17.10 9.47
C LEU A 46 20.06 17.37 8.20
N ALA A 47 19.07 16.52 7.95
CA ALA A 47 18.22 16.66 6.78
C ALA A 47 17.64 18.07 6.78
N GLN A 48 17.32 18.53 7.99
CA GLN A 48 16.76 19.85 8.19
C GLN A 48 17.79 20.94 7.94
N VAL A 49 19.03 20.69 8.34
CA VAL A 49 20.09 21.68 8.11
C VAL A 49 20.34 21.73 6.61
N ALA A 50 20.26 20.57 5.97
CA ALA A 50 20.48 20.49 4.53
C ALA A 50 19.51 21.45 3.81
N ARG A 51 18.28 21.50 4.28
CA ARG A 51 17.28 22.39 3.69
C ARG A 51 17.57 23.85 4.09
N ARG A 52 17.78 24.06 5.38
CA ARG A 52 18.08 25.39 5.92
C ARG A 52 19.26 26.04 5.23
N ALA A 53 20.29 25.25 4.91
CA ALA A 53 21.48 25.75 4.25
C ALA A 53 21.21 26.12 2.80
N GLY A 54 20.03 25.76 2.31
CA GLY A 54 19.65 26.05 0.94
C GLY A 54 20.58 25.46 -0.10
N GLY A 55 20.17 25.51 -1.36
CA GLY A 55 21.01 24.97 -2.43
C GLY A 55 20.79 23.49 -2.67
N VAL A 56 21.48 22.94 -3.68
CA VAL A 56 21.37 21.53 -3.99
C VAL A 56 22.26 20.81 -3.00
N THR A 57 21.82 20.83 -1.75
CA THR A 57 22.56 20.20 -0.67
C THR A 57 21.66 19.18 0.03
N VAL A 58 22.22 18.01 0.32
CA VAL A 58 21.50 16.93 0.99
C VAL A 58 22.42 16.32 2.04
N ARG A 59 21.87 15.42 2.83
CA ARG A 59 22.61 14.75 3.89
C ARG A 59 23.41 13.56 3.35
N MET A 60 24.67 13.48 3.74
CA MET A 60 25.55 12.37 3.36
C MET A 60 26.26 11.96 4.65
N GLY A 61 25.87 10.80 5.19
CA GLY A 61 26.47 10.37 6.43
C GLY A 61 26.12 11.29 7.59
N ASP A 62 27.13 11.77 8.31
CA ASP A 62 26.87 12.66 9.44
C ASP A 62 27.06 14.13 9.09
N GLY A 63 26.96 14.40 7.80
CA GLY A 63 27.09 15.76 7.30
C GLY A 63 26.39 15.92 5.96
N LEU A 64 26.56 17.08 5.34
CA LEU A 64 25.95 17.37 4.05
C LEU A 64 26.86 17.08 2.88
N ALA A 65 26.26 17.03 1.71
CA ALA A 65 26.94 16.83 0.46
C ALA A 65 26.17 17.80 -0.43
N SER A 66 26.87 18.66 -1.16
CA SER A 66 26.17 19.63 -1.99
C SER A 66 26.75 19.79 -3.38
N TRP A 67 25.93 20.30 -4.29
CA TRP A 67 26.36 20.55 -5.65
C TRP A 67 26.42 22.04 -5.87
N SER A 68 25.99 22.78 -4.84
CA SER A 68 26.00 24.24 -4.89
C SER A 68 27.35 24.67 -4.31
N PRO A 69 27.91 25.77 -4.84
CA PRO A 69 29.20 26.27 -4.35
C PRO A 69 29.04 26.66 -2.89
N PRO A 70 29.90 26.10 -2.03
CA PRO A 70 29.92 26.35 -0.58
C PRO A 70 29.68 27.80 -0.19
N GLU A 71 29.95 28.73 -1.11
CA GLU A 71 29.77 30.14 -0.83
C GLU A 71 28.31 30.60 -0.81
N VAL A 72 27.47 30.05 -1.67
CA VAL A 72 26.05 30.42 -1.75
C VAL A 72 25.18 29.85 -0.63
N LEU A 73 25.71 28.90 0.12
CA LEU A 73 24.95 28.27 1.19
C LEU A 73 25.01 29.07 2.49
N VAL A 74 23.93 29.00 3.26
CA VAL A 74 23.86 29.68 4.54
C VAL A 74 24.67 28.80 5.50
N LEU A 75 25.95 29.13 5.68
CA LEU A 75 26.85 28.33 6.52
C LEU A 75 26.61 28.36 8.03
N GLU A 76 25.68 29.19 8.48
CA GLU A 76 25.36 29.28 9.91
C GLU A 76 23.91 29.66 10.07
N GLY A 77 23.37 29.47 11.27
CA GLY A 77 21.98 29.82 11.49
C GLY A 77 21.44 28.96 12.62
N THR A 78 20.15 29.08 12.89
CA THR A 78 19.54 28.31 13.96
C THR A 78 18.20 27.72 13.55
N LEU A 79 17.97 26.45 13.91
CA LEU A 79 16.74 25.72 13.57
C LEU A 79 16.13 24.98 14.76
N ALA A 80 14.80 24.92 14.84
CA ALA A 80 14.11 24.27 15.95
C ALA A 80 13.46 22.93 15.60
N ARG A 81 13.40 22.02 16.57
CA ARG A 81 12.82 20.71 16.34
C ARG A 81 12.04 20.19 17.55
N MET A 82 10.73 20.04 17.39
CA MET A 82 9.87 19.55 18.46
C MET A 82 10.30 20.17 19.79
N GLY A 83 10.46 21.47 19.80
CA GLY A 83 10.86 22.16 21.01
C GLY A 83 12.22 22.81 20.92
N GLN A 84 13.26 22.10 21.36
CA GLN A 84 14.63 22.60 21.36
C GLN A 84 15.10 23.17 20.02
N THR A 85 15.84 24.26 20.08
CA THR A 85 16.40 24.89 18.88
C THR A 85 17.89 24.62 18.85
N TYR A 86 18.47 24.61 17.65
CA TYR A 86 19.88 24.33 17.49
C TYR A 86 20.63 25.29 16.60
N ALA A 87 21.88 25.55 16.95
CA ALA A 87 22.72 26.42 16.17
C ALA A 87 23.53 25.48 15.30
N TYR A 88 23.68 25.79 14.02
CA TYR A 88 24.45 24.89 13.18
C TYR A 88 25.63 25.59 12.52
N ARG A 89 26.65 24.79 12.20
CA ARG A 89 27.87 25.24 11.58
C ARG A 89 28.28 24.25 10.51
N LEU A 90 28.66 24.76 9.34
CA LEU A 90 29.06 23.91 8.24
C LEU A 90 30.53 24.17 7.88
N TYR A 91 31.33 23.11 7.86
CA TYR A 91 32.74 23.26 7.53
C TYR A 91 33.10 22.47 6.29
N PRO A 92 33.44 23.16 5.20
CA PRO A 92 33.79 22.43 3.98
C PRO A 92 34.95 21.49 4.26
N LYS A 93 34.74 20.21 4.00
CA LYS A 93 35.78 19.21 4.23
C LYS A 93 36.31 18.72 2.89
N GLY A 94 36.22 19.58 1.88
CA GLY A 94 36.72 19.23 0.55
C GLY A 94 35.73 18.61 -0.41
N ARG A 95 36.19 17.66 -1.20
CA ARG A 95 35.35 16.99 -2.17
C ARG A 95 35.50 15.49 -2.06
N ARG A 96 34.43 14.78 -2.36
CA ARG A 96 34.48 13.35 -2.23
C ARG A 96 33.86 12.55 -3.36
N PRO A 97 34.68 11.80 -4.08
CA PRO A 97 34.09 11.01 -5.17
C PRO A 97 32.98 10.13 -4.61
N LEU A 98 32.01 9.78 -5.44
CA LEU A 98 30.88 8.95 -5.03
C LEU A 98 30.60 7.89 -6.09
N ASP A 99 31.19 6.72 -5.91
CA ASP A 99 31.02 5.63 -6.87
C ASP A 99 29.55 5.21 -7.09
N PRO A 100 29.04 5.42 -8.31
CA PRO A 100 27.67 5.07 -8.68
C PRO A 100 27.47 3.57 -8.58
N LYS A 101 28.54 2.82 -8.76
CA LYS A 101 28.45 1.37 -8.66
C LYS A 101 28.10 0.95 -7.25
N ASP A 102 28.46 1.77 -6.26
CA ASP A 102 28.15 1.47 -4.84
C ASP A 102 26.76 2.03 -4.53
N PRO A 103 25.79 1.10 -4.58
CA PRO A 103 24.42 1.49 -4.22
C PRO A 103 24.37 2.54 -3.10
N GLY A 104 25.04 2.37 -2.05
CA GLY A 104 24.99 3.30 -0.93
C GLY A 104 25.43 4.71 -1.29
N GLU A 105 26.51 4.84 -2.05
CA GLU A 105 26.99 6.17 -2.42
C GLU A 105 26.11 6.67 -3.52
N ARG A 106 25.60 5.72 -4.30
CA ARG A 106 24.74 6.06 -5.40
C ARG A 106 23.53 6.75 -4.82
N SER A 107 23.14 6.30 -3.63
CA SER A 107 22.01 6.84 -2.91
C SER A 107 22.11 8.34 -2.64
N VAL A 108 23.33 8.89 -2.61
CA VAL A 108 23.54 10.31 -2.33
C VAL A 108 23.47 11.18 -3.60
N LEU A 109 24.05 10.68 -4.69
CA LEU A 109 24.04 11.38 -5.96
C LEU A 109 22.60 11.56 -6.40
N SER A 110 21.81 10.53 -6.17
CA SER A 110 20.40 10.51 -6.51
C SER A 110 19.65 11.46 -5.58
N ALA A 111 20.07 11.53 -4.33
CA ALA A 111 19.43 12.46 -3.41
C ALA A 111 19.66 13.87 -3.96
N LEU A 112 20.89 14.14 -4.40
CA LEU A 112 21.26 15.44 -4.96
C LEU A 112 20.51 15.69 -6.25
N ALA A 113 20.30 14.62 -7.02
CA ALA A 113 19.57 14.72 -8.29
C ALA A 113 18.14 15.15 -7.96
N ARG A 114 17.62 14.64 -6.86
CA ARG A 114 16.27 14.97 -6.41
C ARG A 114 16.20 16.43 -6.03
N ARG A 115 17.21 16.93 -5.32
CA ARG A 115 17.23 18.35 -4.91
C ARG A 115 17.43 19.28 -6.09
N LEU A 116 18.17 18.81 -7.09
CA LEU A 116 18.46 19.59 -8.29
C LEU A 116 17.17 19.78 -9.08
N LEU A 117 16.41 18.69 -9.23
CA LEU A 117 15.15 18.69 -9.95
C LEU A 117 14.15 19.58 -9.22
N GLN A 118 14.19 19.50 -7.91
CA GLN A 118 13.30 20.27 -7.08
C GLN A 118 13.53 21.76 -7.20
N GLU A 119 14.79 22.11 -7.45
CA GLU A 119 15.18 23.50 -7.57
C GLU A 119 14.70 24.16 -8.84
N ARG A 120 14.64 23.38 -9.90
CA ARG A 120 14.17 23.90 -11.16
C ARG A 120 12.67 24.21 -11.14
N LEU A 121 11.90 23.41 -10.42
CA LEU A 121 10.46 23.61 -10.35
C LEU A 121 10.19 24.89 -9.56
N ARG A 122 10.98 25.13 -8.53
CA ARG A 122 10.80 26.32 -7.71
C ARG A 122 10.98 27.63 -8.47
N ARG A 123 11.76 27.59 -9.55
CA ARG A 123 11.97 28.78 -10.35
C ARG A 123 11.15 28.74 -11.65
N LEU A 124 10.23 27.77 -11.72
CA LEU A 124 9.35 27.67 -12.88
C LEU A 124 8.26 28.70 -12.70
N GLU A 125 7.97 29.43 -13.76
CA GLU A 125 6.97 30.49 -13.75
C GLU A 125 5.61 30.11 -14.34
N GLY A 126 4.56 30.46 -13.61
CA GLY A 126 3.21 30.18 -14.06
C GLY A 126 2.78 28.72 -14.04
N VAL A 127 3.17 27.99 -13.01
CA VAL A 127 2.79 26.58 -12.88
C VAL A 127 2.72 26.24 -11.41
N TRP A 128 1.67 25.53 -11.01
CA TRP A 128 1.55 25.15 -9.62
C TRP A 128 2.51 24.02 -9.32
N VAL A 129 3.35 24.22 -8.31
CA VAL A 129 4.32 23.20 -7.90
C VAL A 129 4.09 22.74 -6.48
N GLU A 130 4.32 21.45 -6.25
CA GLU A 130 4.14 20.86 -4.92
C GLU A 130 5.15 19.71 -4.79
N GLY A 131 6.33 20.03 -4.26
CA GLY A 131 7.35 19.01 -4.11
C GLY A 131 7.99 18.70 -5.45
N LEU A 132 7.85 17.46 -5.90
CA LEU A 132 8.41 17.06 -7.18
C LEU A 132 7.32 16.83 -8.21
N ALA A 133 6.19 17.49 -8.02
CA ALA A 133 5.06 17.39 -8.94
C ALA A 133 4.79 18.76 -9.52
N VAL A 134 4.62 18.84 -10.83
CA VAL A 134 4.30 20.10 -11.46
C VAL A 134 2.97 19.92 -12.17
N TYR A 135 2.02 20.80 -11.89
CA TYR A 135 0.71 20.71 -12.53
C TYR A 135 0.58 21.87 -13.52
N ARG A 136 0.52 21.54 -14.80
CA ARG A 136 0.48 22.56 -15.84
C ARG A 136 -0.78 22.77 -16.69
N ARG A 137 -1.90 22.15 -16.33
CA ARG A 137 -3.10 22.32 -17.14
C ARG A 137 -4.39 22.23 -16.35
N GLU A 138 -5.37 23.00 -16.77
CA GLU A 138 -6.67 22.99 -16.12
C GLU A 138 -7.44 21.83 -16.74
N HIS A 139 -7.88 20.90 -15.89
CA HIS A 139 -8.63 19.73 -16.36
C HIS A 139 -10.12 19.93 -16.12
N ALA A 140 -10.56 19.63 -14.90
CA ALA A 140 -11.96 19.77 -14.55
C ALA A 140 -12.26 21.10 -13.86
N ARG A 141 -13.44 21.17 -13.23
CA ARG A 141 -13.87 22.38 -12.55
C ARG A 141 -15.05 22.19 -11.59
N GLY A 142 -15.39 23.24 -10.84
CA GLY A 142 -16.52 23.16 -9.91
C GLY A 142 -16.68 24.40 -9.05
N PRO A 143 -17.82 24.53 -8.34
CA PRO A 143 -18.01 25.70 -7.48
C PRO A 143 -16.76 25.99 -6.64
N GLY A 144 -16.13 27.12 -6.91
CA GLY A 144 -14.94 27.50 -6.18
C GLY A 144 -13.71 26.61 -6.32
N TRP A 145 -13.86 25.41 -6.86
CA TRP A 145 -12.72 24.51 -7.01
C TRP A 145 -12.43 24.13 -8.45
N ARG A 146 -11.22 23.61 -8.68
CA ARG A 146 -10.78 23.18 -10.01
C ARG A 146 -9.74 22.05 -9.92
N VAL A 147 -9.51 21.34 -11.01
CA VAL A 147 -8.54 20.25 -11.01
C VAL A 147 -7.39 20.45 -11.99
N LEU A 148 -6.16 20.43 -11.49
CA LEU A 148 -5.03 20.61 -12.39
C LEU A 148 -4.37 19.30 -12.78
N GLY A 149 -3.86 19.29 -14.01
CA GLY A 149 -3.19 18.12 -14.52
C GLY A 149 -1.70 18.34 -14.76
N GLY A 150 -0.90 17.34 -14.40
CA GLY A 150 0.53 17.40 -14.57
C GLY A 150 1.15 16.04 -14.25
N ALA A 151 2.33 16.03 -13.62
CA ALA A 151 2.96 14.77 -13.29
C ALA A 151 3.84 14.80 -12.09
N VAL A 152 3.93 13.68 -11.41
CA VAL A 152 4.84 13.59 -10.30
C VAL A 152 6.16 13.25 -11.00
N LEU A 153 7.21 14.01 -10.68
CA LEU A 153 8.51 13.84 -11.32
C LEU A 153 9.57 13.29 -10.39
N ASP A 154 10.61 12.70 -10.96
CA ASP A 154 11.71 12.19 -10.17
C ASP A 154 13.00 12.10 -10.99
N LEU A 155 14.13 12.33 -10.32
CA LEU A 155 15.43 12.31 -10.97
C LEU A 155 16.39 11.55 -10.06
N TRP A 156 17.17 10.63 -10.64
CA TRP A 156 18.14 9.87 -9.87
C TRP A 156 19.29 9.36 -10.77
N VAL A 157 20.44 9.12 -10.16
CA VAL A 157 21.61 8.66 -10.88
C VAL A 157 21.58 7.14 -10.95
N SER A 158 21.97 6.59 -12.10
CA SER A 158 21.96 5.15 -12.32
C SER A 158 23.26 4.41 -12.00
N ASP A 159 23.27 3.14 -12.43
CA ASP A 159 24.40 2.23 -12.30
C ASP A 159 25.54 2.92 -13.04
N SER A 160 25.24 3.18 -14.31
CA SER A 160 26.17 3.81 -15.26
C SER A 160 26.68 5.17 -14.81
N GLY A 161 25.98 5.81 -13.89
CA GLY A 161 26.42 7.13 -13.48
C GLY A 161 25.78 8.23 -14.33
N ALA A 162 24.58 7.96 -14.83
CA ALA A 162 23.85 8.92 -15.65
C ALA A 162 22.50 9.27 -15.00
N PHE A 163 21.99 10.45 -15.33
CA PHE A 163 20.72 10.91 -14.79
C PHE A 163 19.54 10.13 -15.35
N LEU A 164 18.51 10.02 -14.53
CA LEU A 164 17.28 9.32 -14.88
C LEU A 164 16.08 10.14 -14.43
N LEU A 165 15.20 10.41 -15.39
CA LEU A 165 14.02 11.20 -15.14
C LEU A 165 12.79 10.30 -15.18
N GLU A 166 11.99 10.40 -14.12
CA GLU A 166 10.78 9.62 -14.01
C GLU A 166 9.60 10.56 -14.06
N VAL A 167 8.60 10.20 -14.86
CA VAL A 167 7.42 11.01 -15.04
C VAL A 167 6.15 10.18 -14.99
N ASP A 168 5.24 10.57 -14.10
CA ASP A 168 3.96 9.87 -14.00
C ASP A 168 2.87 10.92 -13.85
N PRO A 169 2.00 11.06 -14.87
CA PRO A 169 0.89 12.01 -14.91
C PRO A 169 0.08 11.97 -13.62
N ALA A 170 -0.37 13.13 -13.15
CA ALA A 170 -1.17 13.18 -11.93
C ALA A 170 -2.09 14.39 -11.92
N TYR A 171 -3.15 14.30 -11.14
CA TYR A 171 -4.09 15.41 -11.03
C TYR A 171 -4.03 15.93 -9.62
N ARG A 172 -4.24 17.25 -9.46
CA ARG A 172 -4.23 17.90 -8.17
C ARG A 172 -5.56 18.66 -7.95
N ILE A 173 -6.04 18.67 -6.71
CA ILE A 173 -7.29 19.34 -6.36
C ILE A 173 -7.04 20.66 -5.64
N LEU A 174 -7.46 21.75 -6.25
CA LEU A 174 -7.28 23.05 -5.62
C LEU A 174 -8.57 23.80 -5.38
N CYS A 175 -8.67 24.40 -4.19
CA CYS A 175 -9.84 25.19 -3.84
C CYS A 175 -9.51 26.59 -4.35
N GLU A 176 -10.53 27.32 -4.82
CA GLU A 176 -10.33 28.68 -5.32
C GLU A 176 -11.22 29.58 -4.49
N MET A 177 -11.49 29.15 -3.26
CA MET A 177 -12.39 29.89 -2.38
C MET A 177 -11.83 29.93 -0.95
N SER A 178 -11.94 31.08 -0.28
CA SER A 178 -11.42 31.22 1.07
C SER A 178 -12.25 30.43 2.05
N LEU A 179 -11.63 29.97 3.13
CA LEU A 179 -12.34 29.18 4.15
C LEU A 179 -13.64 29.83 4.61
N GLU A 180 -13.66 31.16 4.71
CA GLU A 180 -14.87 31.86 5.13
C GLU A 180 -15.93 31.65 4.07
N ALA A 181 -15.55 31.81 2.81
CA ALA A 181 -16.49 31.64 1.71
C ALA A 181 -16.81 30.16 1.50
N TRP A 182 -15.90 29.28 1.89
CA TRP A 182 -16.09 27.85 1.73
C TRP A 182 -17.18 27.37 2.67
N LEU A 183 -17.18 27.92 3.87
CA LEU A 183 -18.18 27.57 4.87
C LEU A 183 -19.52 28.16 4.45
N ALA A 184 -19.49 29.43 4.02
CA ALA A 184 -20.69 30.11 3.56
C ALA A 184 -21.46 29.18 2.64
N GLN A 185 -20.79 28.72 1.58
CA GLN A 185 -21.37 27.81 0.62
C GLN A 185 -22.20 26.77 1.37
N GLY A 186 -21.52 25.96 2.17
CA GLY A 186 -22.18 24.93 2.94
C GLY A 186 -21.19 23.87 3.39
N HIS A 187 -20.21 23.59 2.55
CA HIS A 187 -19.19 22.58 2.86
C HIS A 187 -18.69 22.65 4.30
N PRO A 188 -18.20 21.52 4.83
CA PRO A 188 -17.70 21.51 6.21
C PRO A 188 -16.19 21.51 6.46
N LEU A 189 -15.77 20.49 7.20
CA LEU A 189 -14.41 20.23 7.68
C LEU A 189 -13.12 20.32 6.87
N PRO A 190 -12.29 21.35 7.14
CA PRO A 190 -11.01 21.48 6.42
C PRO A 190 -10.01 20.76 7.32
N LYS A 191 -9.55 19.58 6.91
CA LYS A 191 -8.58 18.84 7.73
C LYS A 191 -7.35 19.72 7.85
N ARG A 192 -6.92 20.23 6.71
CA ARG A 192 -5.78 21.13 6.64
C ARG A 192 -6.23 22.34 5.85
N VAL A 193 -5.48 23.42 5.97
CA VAL A 193 -5.83 24.65 5.28
C VAL A 193 -4.52 25.36 4.91
N ARG A 194 -4.60 26.45 4.16
CA ARG A 194 -3.38 27.13 3.77
C ARG A 194 -3.52 28.65 3.70
N ASN A 195 -2.46 29.37 4.08
CA ASN A 195 -2.49 30.81 4.05
C ASN A 195 -2.84 31.35 2.68
N ALA A 196 -3.85 32.20 2.64
CA ALA A 196 -4.29 32.80 1.40
C ALA A 196 -3.18 33.64 0.79
N TYR A 197 -2.20 34.03 1.60
CA TYR A 197 -1.10 34.88 1.11
C TYR A 197 0.19 34.18 0.75
N ASP A 198 0.45 33.03 1.35
CA ASP A 198 1.66 32.30 1.03
C ASP A 198 1.33 30.84 0.75
N ARG A 199 2.21 29.93 1.17
CA ARG A 199 1.99 28.53 0.88
C ARG A 199 2.10 27.58 2.04
N ARG A 200 2.36 28.14 3.22
CA ARG A 200 2.50 27.32 4.40
C ARG A 200 1.15 26.70 4.73
N THR A 201 1.06 25.38 4.59
CA THR A 201 -0.18 24.69 4.89
C THR A 201 -0.27 24.45 6.40
N TRP A 202 -1.48 24.28 6.92
CA TRP A 202 -1.72 24.05 8.35
C TRP A 202 -2.72 22.91 8.59
N GLU A 203 -3.19 22.82 9.83
CA GLU A 203 -4.15 21.79 10.21
C GLU A 203 -5.16 22.40 11.17
N LEU A 204 -5.84 23.45 10.70
CA LEU A 204 -6.84 24.16 11.51
C LEU A 204 -7.59 23.24 12.45
N LEU A 205 -7.63 23.65 13.72
CA LEU A 205 -8.30 22.89 14.77
C LEU A 205 -9.78 23.17 14.79
N ARG A 206 -10.12 24.43 15.02
CA ARG A 206 -11.51 24.84 15.06
C ARG A 206 -11.68 26.32 14.85
N LEU A 207 -12.93 26.73 14.87
CA LEU A 207 -13.29 28.12 14.69
C LEU A 207 -13.65 28.69 16.05
N GLY A 208 -12.83 29.61 16.54
CA GLY A 208 -13.09 30.20 17.83
C GLY A 208 -13.96 31.43 17.80
N GLU A 209 -14.91 31.49 18.73
CA GLU A 209 -15.84 32.60 18.84
C GLU A 209 -15.13 33.76 19.53
N GLU A 210 -13.82 33.84 19.34
CA GLU A 210 -13.02 34.85 20.01
C GLU A 210 -12.98 36.31 19.60
N ASP A 211 -12.10 37.01 20.31
CA ASP A 211 -11.81 38.44 20.24
C ASP A 211 -11.70 39.16 18.90
N PRO A 212 -12.63 40.09 18.63
CA PRO A 212 -12.61 40.85 17.38
C PRO A 212 -11.16 41.20 17.03
N LYS A 213 -10.60 42.18 17.73
CA LYS A 213 -9.20 42.58 17.54
C LYS A 213 -8.69 42.77 18.96
N GLU A 214 -8.24 41.68 19.58
CA GLU A 214 -7.76 41.77 20.95
C GLU A 214 -6.58 40.85 21.20
N LEU A 221 0.39 41.52 20.99
CA LEU A 221 -0.90 42.20 20.93
C LEU A 221 -1.81 41.68 19.80
N SER A 222 -2.26 42.60 18.93
CA SER A 222 -3.20 42.33 17.84
C SER A 222 -2.99 41.23 16.78
N LEU A 223 -4.11 40.60 16.42
CA LEU A 223 -4.17 39.53 15.42
C LEU A 223 -4.45 40.14 14.05
N LEU A 224 -5.57 40.87 13.94
CA LEU A 224 -5.97 41.49 12.68
C LEU A 224 -5.05 42.63 12.24
N ASP A 225 -4.25 43.14 13.18
CA ASP A 225 -3.31 44.23 12.89
C ASP A 225 -2.03 43.62 12.32
N TYR A 226 -1.64 42.47 12.87
CA TYR A 226 -0.45 41.77 12.42
C TYR A 226 -0.62 41.48 10.94
N HIS A 227 -1.75 40.89 10.59
CA HIS A 227 -2.07 40.56 9.21
C HIS A 227 -2.28 41.82 8.40
N ALA A 228 -2.22 42.96 9.06
CA ALA A 228 -2.40 44.24 8.38
C ALA A 228 -1.03 44.89 8.22
N SER A 229 -0.13 44.58 9.16
CA SER A 229 1.22 45.11 9.13
C SER A 229 1.98 44.46 7.98
N LYS A 230 1.23 43.93 7.03
CA LYS A 230 1.82 43.25 5.89
C LYS A 230 0.96 43.41 4.63
N GLY A 231 -0.23 43.97 4.80
CA GLY A 231 -1.11 44.14 3.67
C GLY A 231 -1.81 42.85 3.28
N ARG A 232 -1.51 41.77 3.99
CA ARG A 232 -2.13 40.47 3.74
C ARG A 232 -3.65 40.65 3.80
N LEU A 233 -4.05 41.55 4.69
CA LEU A 233 -5.43 41.87 4.98
C LEU A 233 -6.07 43.00 4.21
N GLN A 234 -5.27 43.82 3.53
CA GLN A 234 -5.87 44.87 2.72
C GLN A 234 -6.85 44.12 1.82
N GLY A 235 -7.99 44.75 1.55
CA GLY A 235 -8.96 44.13 0.68
C GLY A 235 -9.26 42.65 0.78
N ARG A 236 -9.25 42.12 1.98
CA ARG A 236 -9.65 40.75 2.19
C ARG A 236 -10.29 40.93 3.50
N GLU A 237 -11.24 40.09 3.80
CA GLU A 237 -11.87 40.34 5.04
C GLU A 237 -11.72 39.25 6.07
N GLY A 238 -10.61 39.32 6.77
CA GLY A 238 -10.35 38.35 7.80
C GLY A 238 -11.64 38.09 8.53
N GLY A 239 -12.05 36.83 8.60
CA GLY A 239 -13.30 36.52 9.27
C GLY A 239 -13.19 36.15 10.73
N ARG A 240 -13.42 34.88 11.00
CA ARG A 240 -13.41 34.39 12.36
C ARG A 240 -12.09 33.83 12.86
N VAL A 241 -11.88 33.98 14.18
CA VAL A 241 -10.68 33.48 14.82
C VAL A 241 -10.56 32.00 14.52
N ALA A 242 -9.42 31.60 13.97
CA ALA A 242 -9.21 30.20 13.63
C ALA A 242 -7.85 29.73 14.12
N TRP A 243 -7.83 28.74 15.00
CA TRP A 243 -6.56 28.21 15.48
C TRP A 243 -6.13 27.08 14.61
N VAL A 244 -5.04 27.33 13.90
CA VAL A 244 -4.49 26.32 13.03
C VAL A 244 -3.57 25.50 13.91
N ALA A 245 -2.68 24.83 13.23
CA ALA A 245 -1.68 24.02 13.87
C ALA A 245 -0.59 23.81 12.85
N ASP A 246 0.49 23.21 13.30
CA ASP A 246 1.65 22.96 12.47
C ASP A 246 2.10 21.51 12.50
N PRO A 247 2.81 20.95 13.43
CA PRO A 247 2.86 19.58 13.70
C PRO A 247 2.87 19.58 15.21
N LYS A 248 1.77 19.92 15.76
CA LYS A 248 1.60 20.11 17.20
C LYS A 248 0.15 19.90 17.61
N LYS A 252 2.05 24.84 19.64
CA LYS A 252 1.53 26.19 19.84
C LYS A 252 0.26 26.41 19.04
N PRO A 253 -0.64 27.21 19.59
CA PRO A 253 -1.89 27.55 18.90
C PRO A 253 -1.49 28.80 18.12
N ILE A 254 -1.66 28.76 16.80
CA ILE A 254 -1.28 29.89 15.98
C ILE A 254 -2.51 30.64 15.46
N PRO A 255 -3.21 31.38 16.36
CA PRO A 255 -4.41 32.17 16.04
C PRO A 255 -4.39 32.67 14.59
N HIS A 256 -5.54 32.65 13.94
CA HIS A 256 -5.63 33.07 12.56
C HIS A 256 -7.06 33.44 12.21
N LEU A 257 -7.26 34.01 11.03
CA LEU A 257 -8.59 34.37 10.57
C LEU A 257 -9.03 33.42 9.48
N THR A 258 -10.27 32.95 9.55
CA THR A 258 -10.80 32.01 8.56
C THR A 258 -10.86 32.63 7.17
N GLY A 259 -10.60 33.94 7.08
CA GLY A 259 -10.62 34.61 5.81
C GLY A 259 -9.24 34.66 5.16
N LEU A 260 -8.21 34.40 5.94
CA LEU A 260 -6.85 34.40 5.42
C LEU A 260 -6.36 32.96 5.30
N LEU A 261 -7.33 32.06 5.16
CA LEU A 261 -7.03 30.65 5.04
C LEU A 261 -7.82 30.07 3.89
N VAL A 262 -7.21 29.09 3.21
CA VAL A 262 -7.85 28.45 2.08
C VAL A 262 -7.92 26.94 2.37
N PRO A 263 -9.12 26.35 2.26
CA PRO A 263 -9.26 24.93 2.53
C PRO A 263 -8.49 24.03 1.59
N VAL A 264 -7.91 22.98 2.15
CA VAL A 264 -7.18 22.00 1.37
C VAL A 264 -8.23 20.91 1.26
N LEU A 265 -8.71 20.68 0.04
CA LEU A 265 -9.75 19.70 -0.21
C LEU A 265 -9.27 18.30 -0.48
N THR A 266 -10.21 17.36 -0.34
CA THR A 266 -9.94 15.95 -0.58
C THR A 266 -10.94 15.56 -1.64
N LEU A 267 -10.98 14.28 -2.01
CA LEU A 267 -11.93 13.83 -3.01
C LEU A 267 -13.32 14.07 -2.44
N GLU A 268 -13.41 14.02 -1.11
CA GLU A 268 -14.69 14.27 -0.45
C GLU A 268 -15.25 15.65 -0.85
N ASP A 269 -14.72 16.74 -0.31
CA ASP A 269 -15.23 18.06 -0.68
C ASP A 269 -15.85 18.09 -2.09
N LEU A 270 -15.05 17.77 -3.09
CA LEU A 270 -15.52 17.75 -4.46
C LEU A 270 -16.24 16.43 -4.74
N HIS A 271 -16.54 15.64 -3.73
CA HIS A 271 -17.20 14.34 -3.93
C HIS A 271 -18.63 14.49 -4.45
N GLU A 272 -19.49 15.11 -3.67
CA GLU A 272 -20.87 15.12 -4.04
C GLU A 272 -20.98 15.68 -5.44
N GLU A 273 -20.17 16.66 -5.80
CA GLU A 273 -19.95 17.04 -7.20
C GLU A 273 -20.87 17.97 -8.04
N GLU A 274 -20.29 18.27 -9.19
CA GLU A 274 -20.70 18.86 -10.43
C GLU A 274 -20.22 17.72 -11.32
N GLY A 275 -20.97 16.60 -11.33
CA GLY A 275 -20.68 15.46 -12.19
C GLY A 275 -19.87 14.21 -11.84
N SER A 276 -19.68 13.26 -12.75
CA SER A 276 -18.86 12.12 -12.34
C SER A 276 -17.44 12.66 -12.47
N LEU A 277 -16.46 12.10 -11.76
CA LEU A 277 -15.09 12.60 -11.90
C LEU A 277 -14.11 11.43 -12.03
N ALA A 278 -13.49 11.31 -13.20
CA ALA A 278 -12.57 10.20 -13.46
C ALA A 278 -11.13 10.70 -13.51
N LEU A 279 -10.36 10.33 -12.50
CA LEU A 279 -8.98 10.74 -12.41
C LEU A 279 -8.03 9.68 -12.95
N SER A 280 -8.59 8.55 -13.39
CA SER A 280 -7.76 7.49 -13.94
C SER A 280 -7.55 7.77 -15.43
N LEU A 281 -6.48 7.20 -16.00
CA LEU A 281 -6.18 7.40 -17.41
C LEU A 281 -5.99 6.09 -18.18
N PRO A 282 -6.60 5.96 -19.37
CA PRO A 282 -6.41 4.72 -20.13
C PRO A 282 -4.91 4.75 -20.46
N TRP A 283 -4.25 3.61 -20.45
CA TRP A 283 -2.81 3.59 -20.64
C TRP A 283 -2.19 4.36 -21.81
N GLU A 284 -2.89 4.45 -22.93
CA GLU A 284 -2.34 5.18 -24.07
C GLU A 284 -2.33 6.68 -23.82
N GLU A 285 -3.39 7.17 -23.19
CA GLU A 285 -3.48 8.58 -22.87
C GLU A 285 -2.43 8.89 -21.80
N ARG A 286 -2.20 7.91 -20.92
CA ARG A 286 -1.24 8.01 -19.83
C ARG A 286 0.18 8.02 -20.40
N ARG A 287 0.43 7.18 -21.40
CA ARG A 287 1.72 7.10 -22.05
C ARG A 287 1.96 8.37 -22.84
N ARG A 288 0.89 8.87 -23.44
CA ARG A 288 0.93 10.08 -24.23
C ARG A 288 1.37 11.29 -23.42
N ARG A 289 0.80 11.46 -22.23
CA ARG A 289 1.14 12.58 -21.37
C ARG A 289 2.53 12.46 -20.73
N THR A 290 3.00 11.23 -20.54
CA THR A 290 4.32 11.01 -19.96
C THR A 290 5.37 11.49 -20.95
N ARG A 291 5.21 11.06 -22.20
CA ARG A 291 6.12 11.38 -23.29
C ARG A 291 6.18 12.88 -23.45
N GLU A 292 5.01 13.51 -23.36
CA GLU A 292 4.88 14.94 -23.54
C GLU A 292 5.51 15.77 -22.42
N ILE A 293 5.14 15.46 -21.17
CA ILE A 293 5.66 16.18 -20.01
C ILE A 293 7.16 15.94 -19.81
N ALA A 294 7.63 14.77 -20.22
CA ALA A 294 9.03 14.44 -20.09
C ALA A 294 9.81 15.37 -21.02
N SER A 295 9.23 15.55 -22.19
CA SER A 295 9.82 16.40 -23.20
C SER A 295 9.80 17.88 -22.77
N TRP A 296 8.73 18.27 -22.10
CA TRP A 296 8.56 19.64 -21.61
C TRP A 296 9.51 19.98 -20.45
N ILE A 297 9.70 19.05 -19.53
CA ILE A 297 10.57 19.33 -18.41
C ILE A 297 12.04 19.27 -18.83
N GLY A 298 12.36 18.36 -19.75
CA GLY A 298 13.73 18.23 -20.21
C GLY A 298 14.12 19.50 -20.94
N ARG A 299 13.11 20.19 -21.43
CA ARG A 299 13.26 21.43 -22.17
C ARG A 299 13.85 22.50 -21.25
N ARG A 300 13.46 22.52 -19.98
CA ARG A 300 14.02 23.49 -19.07
C ARG A 300 14.85 22.92 -17.93
N LEU A 301 15.32 21.68 -18.09
CA LEU A 301 16.14 21.03 -17.07
C LEU A 301 17.62 21.10 -17.49
N GLY A 302 17.86 21.33 -18.77
CA GLY A 302 19.21 21.45 -19.28
C GLY A 302 20.16 20.28 -19.12
N LEU A 303 19.64 19.06 -19.11
CA LEU A 303 20.48 17.86 -18.95
C LEU A 303 20.36 16.96 -20.17
N GLY A 304 20.09 17.58 -21.32
CA GLY A 304 19.94 16.81 -22.55
C GLY A 304 18.51 16.41 -22.82
N THR A 305 18.30 15.65 -23.89
CA THR A 305 16.98 15.19 -24.29
C THR A 305 16.62 13.90 -23.56
N PRO A 306 15.44 13.86 -22.93
CA PRO A 306 15.06 12.63 -22.23
C PRO A 306 14.87 11.49 -23.23
N GLU A 307 15.48 10.34 -22.97
CA GLU A 307 15.37 9.21 -23.88
C GLU A 307 14.64 8.03 -23.26
N ALA A 308 13.41 7.79 -23.73
CA ALA A 308 12.61 6.70 -23.24
C ALA A 308 13.44 5.43 -23.18
N VAL A 309 13.56 4.84 -21.98
CA VAL A 309 14.32 3.61 -21.86
C VAL A 309 13.38 2.46 -22.17
N ARG A 310 13.86 1.58 -23.04
CA ARG A 310 13.13 0.41 -23.48
C ARG A 310 13.61 -0.76 -22.65
N ALA A 311 12.89 -1.86 -22.69
CA ALA A 311 13.28 -3.03 -21.93
C ALA A 311 12.65 -4.25 -22.53
N GLN A 312 13.19 -5.41 -22.20
CA GLN A 312 12.67 -6.66 -22.71
C GLN A 312 11.63 -7.20 -21.73
N ALA A 313 10.51 -7.65 -22.28
CA ALA A 313 9.43 -8.21 -21.48
C ALA A 313 9.13 -9.63 -21.95
N TYR A 314 8.46 -10.39 -21.09
CA TYR A 314 8.12 -11.77 -21.39
C TYR A 314 6.69 -12.08 -20.96
N ARG A 315 5.91 -12.68 -21.85
CA ARG A 315 4.53 -13.03 -21.53
C ARG A 315 4.50 -14.38 -20.83
N LEU A 316 4.23 -14.35 -19.53
CA LEU A 316 4.18 -15.56 -18.70
C LEU A 316 2.96 -16.40 -19.01
N SER A 317 3.16 -17.71 -18.90
CA SER A 317 2.10 -18.69 -19.14
C SER A 317 0.92 -18.56 -18.18
N ILE A 318 -0.26 -18.37 -18.75
CA ILE A 318 -1.51 -18.24 -18.00
C ILE A 318 -1.69 -19.35 -16.95
N PRO A 319 -2.35 -19.02 -15.83
CA PRO A 319 -2.58 -20.01 -14.77
C PRO A 319 -3.77 -20.94 -15.06
N LYS A 320 -3.61 -22.22 -14.73
CA LYS A 320 -4.65 -23.21 -14.94
C LYS A 320 -5.48 -23.32 -13.66
N LEU A 321 -6.46 -22.43 -13.50
CA LEU A 321 -7.30 -22.45 -12.32
C LEU A 321 -8.29 -23.60 -12.39
N MET A 322 -8.14 -24.56 -11.49
CA MET A 322 -8.96 -25.75 -11.46
C MET A 322 -9.89 -25.92 -10.27
N GLY A 323 -11.17 -26.07 -10.54
CA GLY A 323 -12.13 -26.31 -9.47
C GLY A 323 -12.23 -27.82 -9.48
N ARG A 324 -13.37 -28.32 -9.92
CA ARG A 324 -13.56 -29.76 -10.04
C ARG A 324 -13.27 -29.99 -11.52
N ARG A 325 -13.79 -29.09 -12.33
CA ARG A 325 -13.59 -29.09 -13.78
C ARG A 325 -12.68 -27.87 -13.95
N ALA A 326 -12.55 -27.37 -15.17
CA ALA A 326 -11.72 -26.19 -15.41
C ALA A 326 -12.57 -24.99 -15.08
N VAL A 327 -11.96 -23.98 -14.47
CA VAL A 327 -12.69 -22.78 -14.10
C VAL A 327 -11.92 -21.52 -14.52
N SER A 328 -12.63 -20.47 -14.89
CA SER A 328 -11.94 -19.25 -15.32
C SER A 328 -11.70 -18.26 -14.18
N LYS A 329 -12.50 -18.39 -13.11
CA LYS A 329 -12.41 -17.53 -11.93
C LYS A 329 -13.05 -18.34 -10.80
N PRO A 330 -12.66 -18.07 -9.54
CA PRO A 330 -13.23 -18.80 -8.41
C PRO A 330 -14.75 -18.95 -8.33
N ALA A 331 -15.50 -17.91 -8.69
CA ALA A 331 -16.95 -18.02 -8.58
C ALA A 331 -17.51 -19.23 -9.32
N ASP A 332 -16.99 -19.46 -10.52
CA ASP A 332 -17.47 -20.55 -11.37
C ASP A 332 -17.44 -21.97 -10.80
N ALA A 333 -16.75 -22.16 -9.69
CA ALA A 333 -16.69 -23.46 -9.06
C ALA A 333 -17.99 -23.73 -8.29
N LEU A 334 -18.80 -22.70 -8.08
CA LEU A 334 -20.05 -22.87 -7.37
C LEU A 334 -21.00 -23.69 -8.22
N ARG A 335 -20.68 -23.80 -9.50
CA ARG A 335 -21.52 -24.55 -10.43
C ARG A 335 -20.84 -25.77 -10.99
N VAL A 336 -19.53 -25.68 -11.12
CA VAL A 336 -18.73 -26.75 -11.65
C VAL A 336 -18.39 -27.76 -10.55
N GLY A 337 -18.35 -27.28 -9.31
CA GLY A 337 -17.99 -28.13 -8.19
C GLY A 337 -16.61 -27.67 -7.76
N PHE A 338 -16.26 -27.86 -6.51
CA PHE A 338 -14.95 -27.42 -6.10
C PHE A 338 -14.00 -28.56 -6.26
N TYR A 339 -12.74 -28.20 -6.17
CA TYR A 339 -11.63 -29.12 -6.26
C TYR A 339 -11.82 -30.39 -5.38
N ARG A 340 -11.37 -30.28 -4.14
CA ARG A 340 -11.59 -31.37 -3.17
C ARG A 340 -12.56 -30.66 -2.27
N ALA A 341 -13.51 -31.38 -1.73
CA ALA A 341 -14.44 -30.74 -0.85
C ALA A 341 -14.79 -31.68 0.30
N GLN A 342 -14.68 -31.13 1.49
CA GLN A 342 -14.96 -31.86 2.70
C GLN A 342 -16.45 -31.92 2.95
N GLU A 343 -16.81 -32.67 3.97
CA GLU A 343 -18.19 -32.77 4.40
C GLU A 343 -18.26 -31.50 5.21
N THR A 344 -19.36 -30.78 5.17
CA THR A 344 -19.42 -29.57 5.94
C THR A 344 -20.80 -29.19 6.44
N ALA A 345 -20.82 -28.31 7.43
CA ALA A 345 -22.06 -27.86 8.03
C ALA A 345 -21.94 -26.36 8.28
N LEU A 346 -22.99 -25.63 7.92
CA LEU A 346 -23.03 -24.19 8.10
C LEU A 346 -24.28 -23.79 8.91
N ALA A 347 -24.18 -22.71 9.69
CA ALA A 347 -25.32 -22.23 10.48
C ALA A 347 -25.72 -20.84 10.00
N LEU A 348 -27.02 -20.58 10.00
CA LEU A 348 -27.53 -19.29 9.59
C LEU A 348 -27.90 -18.49 10.85
N LEU A 349 -27.45 -17.25 10.90
CA LEU A 349 -27.75 -16.36 12.01
C LEU A 349 -28.40 -15.12 11.43
N ARG A 350 -29.70 -14.96 11.66
CA ARG A 350 -30.40 -13.81 11.14
C ARG A 350 -30.56 -12.72 12.20
N LEU A 351 -30.03 -11.54 11.92
CA LEU A 351 -30.12 -10.42 12.86
C LEU A 351 -31.22 -9.42 12.55
N ASP A 352 -32.04 -9.74 11.55
CA ASP A 352 -33.17 -8.89 11.22
C ASP A 352 -34.39 -9.59 11.83
N GLY A 353 -35.55 -9.49 11.19
CA GLY A 353 -36.72 -10.14 11.75
C GLY A 353 -37.19 -11.35 10.97
N ALA A 354 -36.47 -11.73 9.92
CA ALA A 354 -36.85 -12.88 9.11
C ALA A 354 -36.41 -14.19 9.77
N GLN A 355 -36.94 -15.31 9.28
CA GLN A 355 -36.66 -16.60 9.90
C GLN A 355 -35.61 -17.58 9.38
N GLY A 356 -35.83 -18.14 8.19
CA GLY A 356 -34.89 -19.12 7.70
C GLY A 356 -33.90 -18.75 6.62
N TRP A 357 -33.51 -19.77 5.85
CA TRP A 357 -32.57 -19.56 4.77
C TRP A 357 -33.29 -19.11 3.51
N PRO A 358 -32.79 -18.06 2.85
CA PRO A 358 -33.45 -17.63 1.63
C PRO A 358 -33.31 -18.77 0.62
N GLU A 359 -34.43 -19.17 0.03
CA GLU A 359 -34.46 -20.25 -0.95
C GLU A 359 -33.30 -20.28 -1.94
N PHE A 360 -33.07 -19.17 -2.64
CA PHE A 360 -32.01 -19.16 -3.64
C PHE A 360 -30.62 -19.42 -3.05
N LEU A 361 -30.44 -19.16 -1.75
CA LEU A 361 -29.16 -19.40 -1.12
C LEU A 361 -29.06 -20.88 -0.77
N ARG A 362 -30.13 -21.42 -0.20
CA ARG A 362 -30.18 -22.81 0.18
C ARG A 362 -29.79 -23.61 -1.04
N ARG A 363 -30.49 -23.33 -2.14
CA ARG A 363 -30.24 -24.01 -3.39
C ARG A 363 -28.84 -23.86 -3.96
N ALA A 364 -28.36 -22.62 -4.05
CA ALA A 364 -27.04 -22.37 -4.59
C ALA A 364 -26.03 -23.24 -3.85
N LEU A 365 -26.14 -23.28 -2.52
CA LEU A 365 -25.23 -24.08 -1.73
C LEU A 365 -25.43 -25.52 -2.12
N LEU A 366 -26.70 -25.93 -2.20
CA LEU A 366 -27.06 -27.30 -2.57
C LEU A 366 -26.55 -27.62 -3.99
N ARG A 367 -26.72 -26.68 -4.91
CA ARG A 367 -26.25 -26.91 -6.26
C ARG A 367 -24.74 -27.04 -6.27
N ALA A 368 -24.05 -26.27 -5.44
CA ALA A 368 -22.58 -26.32 -5.40
C ALA A 368 -22.05 -27.61 -4.79
N PHE A 369 -22.63 -28.02 -3.67
CA PHE A 369 -22.21 -29.23 -2.97
C PHE A 369 -22.52 -30.54 -3.68
N GLY A 370 -23.72 -30.63 -4.26
CA GLY A 370 -24.09 -31.84 -4.98
C GLY A 370 -23.12 -31.99 -6.14
N ALA A 371 -22.90 -30.89 -6.84
CA ALA A 371 -22.00 -30.86 -7.99
C ALA A 371 -20.60 -31.26 -7.53
N SER A 372 -20.36 -31.14 -6.24
CA SER A 372 -19.06 -31.51 -5.69
C SER A 372 -19.25 -32.90 -5.11
N GLY A 373 -18.21 -33.43 -4.49
CA GLY A 373 -18.34 -34.73 -3.90
C GLY A 373 -19.26 -34.67 -2.68
N ALA A 374 -18.64 -34.64 -1.50
CA ALA A 374 -19.32 -34.61 -0.20
C ALA A 374 -20.55 -33.75 0.06
N SER A 375 -21.14 -34.03 1.21
CA SER A 375 -22.36 -33.41 1.73
C SER A 375 -22.25 -32.11 2.53
N LEU A 376 -23.42 -31.55 2.82
CA LEU A 376 -23.50 -30.35 3.63
C LEU A 376 -24.79 -30.37 4.40
N ARG A 377 -24.76 -29.74 5.57
CA ARG A 377 -25.92 -29.62 6.45
C ARG A 377 -26.11 -28.16 6.76
N LEU A 378 -27.33 -27.69 6.63
CA LEU A 378 -27.60 -26.33 6.96
C LEU A 378 -28.34 -26.32 8.28
N HIS A 379 -27.80 -25.54 9.22
CA HIS A 379 -28.37 -25.39 10.54
C HIS A 379 -28.86 -23.97 10.68
N THR A 380 -29.71 -23.75 11.66
CA THR A 380 -30.22 -22.41 11.92
C THR A 380 -30.11 -22.11 13.39
N LEU A 381 -29.32 -21.11 13.74
CA LEU A 381 -29.16 -20.71 15.13
C LEU A 381 -30.48 -20.05 15.53
N HIS A 382 -30.94 -20.31 16.75
CA HIS A 382 -32.19 -19.72 17.20
C HIS A 382 -32.02 -18.80 18.41
N ALA A 383 -30.81 -18.29 18.58
CA ALA A 383 -30.55 -17.39 19.67
C ALA A 383 -30.26 -16.03 19.07
N HIS A 384 -30.18 -15.01 19.91
CA HIS A 384 -29.90 -13.68 19.42
C HIS A 384 -28.78 -13.16 20.30
N PRO A 385 -27.75 -12.56 19.68
CA PRO A 385 -26.62 -12.05 20.45
C PRO A 385 -26.97 -11.38 21.79
N SER A 386 -28.10 -10.67 21.83
CA SER A 386 -28.53 -9.98 23.06
C SER A 386 -28.95 -10.93 24.19
N GLN A 387 -29.36 -12.14 23.85
CA GLN A 387 -29.77 -13.12 24.86
C GLN A 387 -28.57 -13.56 25.69
N GLY A 388 -27.46 -12.85 25.49
CA GLY A 388 -26.25 -13.15 26.22
C GLY A 388 -25.83 -14.60 26.28
N LEU A 389 -25.70 -15.08 27.52
CA LEU A 389 -25.31 -16.44 27.80
C LEU A 389 -26.06 -17.52 27.02
N ALA A 390 -27.33 -17.30 26.75
CA ALA A 390 -28.10 -18.27 26.01
C ALA A 390 -27.55 -18.34 24.57
N PHE A 391 -26.95 -17.23 24.13
CA PHE A 391 -26.39 -17.15 22.79
C PHE A 391 -25.10 -17.95 22.75
N ARG A 392 -24.28 -17.79 23.77
CA ARG A 392 -23.01 -18.51 23.84
C ARG A 392 -23.24 -20.03 23.89
N GLU A 393 -24.23 -20.47 24.66
CA GLU A 393 -24.49 -21.91 24.74
C GLU A 393 -25.07 -22.39 23.42
N ALA A 394 -25.72 -21.48 22.71
CA ALA A 394 -26.27 -21.82 21.43
C ALA A 394 -25.11 -22.05 20.46
N LEU A 395 -24.04 -21.28 20.62
CA LEU A 395 -22.87 -21.41 19.76
C LEU A 395 -22.07 -22.65 20.12
N ARG A 396 -21.92 -22.88 21.42
CA ARG A 396 -21.18 -24.05 21.90
C ARG A 396 -21.89 -25.27 21.32
N LYS A 397 -23.22 -25.19 21.32
CA LYS A 397 -24.05 -26.26 20.82
C LYS A 397 -23.97 -26.41 19.30
N ALA A 398 -23.72 -25.33 18.58
CA ALA A 398 -23.61 -25.47 17.13
C ALA A 398 -22.29 -26.17 16.83
N LYS A 399 -21.25 -25.74 17.54
CA LYS A 399 -19.91 -26.28 17.42
C LYS A 399 -19.88 -27.78 17.74
N GLU A 400 -20.78 -28.21 18.62
CA GLU A 400 -20.87 -29.61 19.04
C GLU A 400 -21.36 -30.45 17.84
N GLU A 401 -22.53 -30.13 17.30
CA GLU A 401 -23.08 -30.85 16.14
C GLU A 401 -22.28 -30.65 14.84
N GLY A 402 -21.09 -30.07 14.95
CA GLY A 402 -20.25 -29.88 13.78
C GLY A 402 -20.31 -28.62 12.95
N VAL A 403 -21.10 -27.62 13.31
CA VAL A 403 -21.11 -26.40 12.51
C VAL A 403 -19.69 -25.84 12.41
N GLN A 404 -19.27 -25.52 11.18
CA GLN A 404 -17.92 -25.02 10.91
C GLN A 404 -17.77 -23.54 10.64
N ALA A 405 -18.86 -22.90 10.25
CA ALA A 405 -18.81 -21.48 9.95
C ALA A 405 -20.22 -20.92 10.00
N VAL A 406 -20.34 -19.65 10.32
CA VAL A 406 -21.66 -19.02 10.45
C VAL A 406 -21.88 -17.92 9.42
N LEU A 407 -23.02 -17.96 8.73
CA LEU A 407 -23.34 -16.92 7.75
C LEU A 407 -24.36 -16.00 8.40
N VAL A 408 -23.97 -14.75 8.60
CA VAL A 408 -24.80 -13.74 9.25
C VAL A 408 -25.52 -12.77 8.31
N LEU A 409 -26.85 -12.91 8.26
CA LEU A 409 -27.73 -12.06 7.47
C LEU A 409 -28.11 -10.93 8.39
N THR A 410 -27.88 -9.69 7.96
CA THR A 410 -28.17 -8.56 8.82
C THR A 410 -28.13 -7.25 8.05
N PRO A 411 -28.70 -6.18 8.62
CA PRO A 411 -28.69 -4.89 7.93
C PRO A 411 -27.30 -4.34 8.13
N PRO A 412 -26.88 -3.37 7.32
CA PRO A 412 -25.54 -2.82 7.51
C PRO A 412 -25.27 -2.66 9.02
N MET A 413 -24.07 -3.02 9.46
CA MET A 413 -23.70 -2.93 10.86
C MET A 413 -22.64 -1.86 11.10
N ALA A 414 -22.77 -1.14 12.20
CA ALA A 414 -21.80 -0.13 12.54
C ALA A 414 -20.51 -0.89 12.80
N TRP A 415 -19.38 -0.23 12.53
CA TRP A 415 -18.05 -0.80 12.70
C TRP A 415 -17.87 -1.65 13.96
N GLU A 416 -18.03 -1.00 15.12
CA GLU A 416 -17.85 -1.69 16.40
C GLU A 416 -18.86 -2.81 16.68
N ASP A 417 -20.08 -2.71 16.18
CA ASP A 417 -21.05 -3.79 16.40
C ASP A 417 -20.50 -4.98 15.62
N ARG A 418 -20.14 -4.71 14.37
CA ARG A 418 -19.57 -5.72 13.50
C ARG A 418 -18.40 -6.44 14.16
N ASN A 419 -17.41 -5.68 14.63
CA ASN A 419 -16.26 -6.33 15.25
C ASN A 419 -16.61 -7.07 16.52
N ARG A 420 -17.65 -6.63 17.23
CA ARG A 420 -18.07 -7.33 18.46
C ARG A 420 -18.72 -8.67 18.14
N LEU A 421 -19.57 -8.69 17.12
CA LEU A 421 -20.23 -9.93 16.74
C LEU A 421 -19.19 -10.95 16.22
N LYS A 422 -18.22 -10.49 15.42
CA LYS A 422 -17.21 -11.41 14.93
C LYS A 422 -16.33 -11.96 16.04
N ALA A 423 -15.86 -11.10 16.93
CA ALA A 423 -15.00 -11.55 18.02
C ALA A 423 -15.76 -12.52 18.90
N LEU A 424 -17.03 -12.23 19.15
CA LEU A 424 -17.82 -13.09 20.00
C LEU A 424 -17.90 -14.47 19.39
N LEU A 425 -18.24 -14.55 18.12
CA LEU A 425 -18.35 -15.84 17.44
C LEU A 425 -17.01 -16.55 17.38
N LEU A 426 -15.96 -15.80 17.05
CA LEU A 426 -14.62 -16.36 16.95
C LEU A 426 -14.21 -17.01 18.26
N ARG A 427 -14.57 -16.36 19.38
CA ARG A 427 -14.26 -16.85 20.71
C ARG A 427 -14.82 -18.25 20.97
N GLU A 428 -15.89 -18.61 20.26
CA GLU A 428 -16.48 -19.94 20.41
C GLU A 428 -16.02 -20.83 19.25
N GLY A 429 -14.96 -20.38 18.59
CA GLY A 429 -14.39 -21.12 17.47
C GLY A 429 -15.22 -21.12 16.19
N LEU A 430 -15.88 -20.01 15.90
CA LEU A 430 -16.72 -19.92 14.71
C LEU A 430 -16.43 -18.76 13.77
N PRO A 431 -15.85 -19.05 12.60
CA PRO A 431 -15.58 -17.97 11.65
C PRO A 431 -16.97 -17.58 11.15
N SER A 432 -17.14 -16.33 10.75
CA SER A 432 -18.44 -15.89 10.28
C SER A 432 -18.33 -15.04 9.06
N GLN A 433 -19.44 -14.94 8.35
CA GLN A 433 -19.50 -14.18 7.13
C GLN A 433 -20.74 -13.32 7.19
N ILE A 434 -20.57 -12.03 6.94
CA ILE A 434 -21.72 -11.17 6.96
C ILE A 434 -22.21 -10.96 5.54
N LEU A 435 -23.52 -11.01 5.38
CA LEU A 435 -24.20 -10.77 4.11
C LEU A 435 -25.37 -9.83 4.46
N ASN A 436 -25.25 -8.56 4.07
CA ASN A 436 -26.27 -7.54 4.36
C ASN A 436 -27.66 -7.88 3.82
N VAL A 437 -28.60 -7.97 4.77
CA VAL A 437 -29.98 -8.38 4.51
C VAL A 437 -30.86 -7.76 3.46
N PRO A 438 -30.77 -6.44 3.23
CA PRO A 438 -31.73 -6.16 2.14
C PRO A 438 -31.03 -6.85 0.96
N LEU A 439 -31.42 -8.08 0.67
CA LEU A 439 -30.77 -8.89 -0.36
C LEU A 439 -31.69 -9.52 -1.40
N ARG A 440 -31.44 -9.20 -2.66
CA ARG A 440 -32.24 -9.76 -3.73
C ARG A 440 -31.45 -10.87 -4.42
N GLU A 441 -32.17 -11.83 -4.98
CA GLU A 441 -31.56 -12.94 -5.69
C GLU A 441 -30.75 -12.51 -6.93
N GLU A 442 -31.08 -11.35 -7.49
CA GLU A 442 -30.38 -10.84 -8.66
C GLU A 442 -28.99 -10.31 -8.31
N GLU A 443 -28.79 -9.93 -7.06
CA GLU A 443 -27.50 -9.40 -6.63
C GLU A 443 -26.47 -10.55 -6.58
N ARG A 444 -26.46 -11.34 -7.65
CA ARG A 444 -25.59 -12.50 -7.81
C ARG A 444 -24.17 -12.33 -7.26
N HIS A 445 -23.47 -11.31 -7.75
CA HIS A 445 -22.08 -11.04 -7.36
C HIS A 445 -21.88 -10.90 -5.87
N ARG A 446 -22.72 -10.09 -5.24
CA ARG A 446 -22.64 -9.85 -3.81
C ARG A 446 -22.80 -11.13 -2.98
N TRP A 447 -23.91 -11.85 -3.18
CA TRP A 447 -24.08 -13.05 -2.38
C TRP A 447 -23.21 -14.23 -2.78
N GLU A 448 -22.91 -14.37 -4.06
CA GLU A 448 -22.03 -15.47 -4.45
C GLU A 448 -20.67 -15.21 -3.81
N ASN A 449 -20.27 -13.95 -3.73
CA ASN A 449 -19.00 -13.67 -3.10
C ASN A 449 -19.09 -14.03 -1.64
N ALA A 450 -20.19 -13.65 -0.99
CA ALA A 450 -20.40 -13.97 0.43
C ALA A 450 -20.28 -15.49 0.64
N LEU A 451 -20.91 -16.27 -0.24
CA LEU A 451 -20.83 -17.72 -0.12
C LEU A 451 -19.37 -18.20 -0.29
N LEU A 452 -18.62 -17.58 -1.20
CA LEU A 452 -17.22 -17.96 -1.39
C LEU A 452 -16.43 -17.75 -0.09
N GLY A 453 -16.76 -16.65 0.60
CA GLY A 453 -16.10 -16.34 1.85
C GLY A 453 -16.47 -17.30 2.96
N LEU A 454 -17.77 -17.55 3.08
CA LEU A 454 -18.31 -18.47 4.09
C LEU A 454 -17.58 -19.81 3.96
N LEU A 455 -17.61 -20.37 2.74
CA LEU A 455 -16.96 -21.64 2.45
C LEU A 455 -15.47 -21.62 2.79
N ALA A 456 -14.80 -20.54 2.41
CA ALA A 456 -13.39 -20.40 2.72
C ALA A 456 -13.24 -20.42 4.24
N LYS A 457 -14.14 -19.72 4.94
CA LYS A 457 -14.07 -19.68 6.38
C LYS A 457 -14.36 -21.05 6.97
N ALA A 458 -15.03 -21.89 6.19
CA ALA A 458 -15.37 -23.24 6.63
C ALA A 458 -14.16 -24.16 6.42
N GLY A 459 -13.17 -23.66 5.71
CA GLY A 459 -11.99 -24.45 5.47
C GLY A 459 -11.97 -25.19 4.15
N LEU A 460 -12.89 -24.88 3.23
CA LEU A 460 -12.94 -25.55 1.94
C LEU A 460 -12.04 -25.00 0.86
N GLN A 461 -11.27 -25.88 0.24
CA GLN A 461 -10.39 -25.50 -0.85
C GLN A 461 -11.25 -25.49 -2.11
N VAL A 462 -11.82 -24.34 -2.43
CA VAL A 462 -12.68 -24.23 -3.60
C VAL A 462 -11.96 -24.41 -4.94
N VAL A 463 -10.78 -23.82 -5.07
CA VAL A 463 -9.99 -23.96 -6.30
C VAL A 463 -8.52 -24.13 -5.98
N ALA A 464 -7.79 -24.80 -6.87
CA ALA A 464 -6.37 -25.03 -6.68
C ALA A 464 -5.65 -24.82 -7.99
N LEU A 465 -4.33 -24.71 -7.94
CA LEU A 465 -3.58 -24.53 -9.16
C LEU A 465 -3.15 -25.88 -9.73
N SER A 466 -3.41 -26.07 -11.02
CA SER A 466 -3.02 -27.30 -11.70
C SER A 466 -1.72 -26.99 -12.46
N GLY A 467 -0.59 -27.41 -11.91
CA GLY A 467 0.67 -27.14 -12.56
C GLY A 467 1.89 -27.61 -11.80
N ALA A 468 3.05 -27.15 -12.22
CA ALA A 468 4.30 -27.52 -11.58
C ALA A 468 5.01 -26.26 -11.11
N TYR A 469 5.53 -26.28 -9.88
CA TYR A 469 6.20 -25.11 -9.35
C TYR A 469 7.43 -25.45 -8.52
N PRO A 470 8.50 -24.66 -8.65
CA PRO A 470 9.72 -24.92 -7.89
C PRO A 470 9.48 -25.06 -6.39
N ALA A 471 8.80 -24.09 -5.80
CA ALA A 471 8.51 -24.12 -4.37
C ALA A 471 7.17 -24.80 -4.11
N GLU A 472 7.17 -25.74 -3.17
CA GLU A 472 5.97 -26.46 -2.83
C GLU A 472 5.13 -25.65 -1.85
N LEU A 473 5.80 -24.84 -1.02
CA LEU A 473 5.12 -24.01 -0.04
C LEU A 473 5.53 -22.56 -0.25
N ALA A 474 4.55 -21.66 -0.20
CA ALA A 474 4.82 -20.24 -0.36
C ALA A 474 4.25 -19.58 0.88
N VAL A 475 5.05 -18.76 1.54
CA VAL A 475 4.57 -18.08 2.72
C VAL A 475 4.79 -16.58 2.66
N GLY A 476 3.72 -15.83 2.93
CA GLY A 476 3.78 -14.39 2.93
C GLY A 476 3.85 -13.87 4.35
N PHE A 477 4.62 -12.81 4.56
CA PHE A 477 4.79 -12.23 5.89
C PHE A 477 4.37 -10.76 5.96
N ASP A 478 3.78 -10.37 7.09
CA ASP A 478 3.36 -8.99 7.32
C ASP A 478 3.66 -8.61 8.77
N ALA A 479 4.25 -7.43 8.97
CA ALA A 479 4.64 -6.97 10.31
C ALA A 479 3.59 -6.26 11.21
N GLY A 480 3.64 -6.60 12.51
CA GLY A 480 2.75 -6.03 13.54
C GLY A 480 3.12 -4.61 13.91
N GLY A 481 4.38 -4.27 13.62
CA GLY A 481 4.92 -2.93 13.75
C GLY A 481 5.46 -2.63 12.37
N ARG A 482 5.18 -1.45 11.82
CA ARG A 482 5.27 -1.33 10.38
C ARG A 482 6.68 -1.57 9.85
N GLU A 483 7.68 -1.12 10.59
CA GLU A 483 9.07 -1.26 10.17
C GLU A 483 9.83 -2.50 10.66
N SER A 484 9.19 -3.34 11.46
CA SER A 484 9.89 -4.53 11.95
C SER A 484 8.95 -5.50 12.66
N PHE A 485 9.39 -6.75 12.79
CA PHE A 485 8.58 -7.77 13.44
C PHE A 485 8.83 -7.78 14.93
N ARG A 486 9.49 -6.72 15.37
CA ARG A 486 9.82 -6.49 16.77
C ARG A 486 8.58 -6.70 17.62
N PHE A 487 7.47 -6.11 17.18
CA PHE A 487 6.23 -6.24 17.93
C PHE A 487 5.25 -7.19 17.24
N GLY A 488 5.74 -8.38 16.92
CA GLY A 488 4.90 -9.40 16.29
C GLY A 488 4.41 -9.12 14.88
N GLY A 489 3.63 -10.06 14.36
CA GLY A 489 3.09 -9.94 13.02
C GLY A 489 2.38 -11.23 12.61
N ALA A 490 2.11 -11.38 11.33
CA ALA A 490 1.43 -12.57 10.87
C ALA A 490 2.02 -13.13 9.56
N ALA A 491 1.50 -14.29 9.18
CA ALA A 491 1.92 -14.93 7.94
C ALA A 491 0.82 -15.84 7.44
N CYS A 492 0.86 -16.14 6.14
CA CYS A 492 -0.09 -17.03 5.53
C CYS A 492 0.63 -17.86 4.50
N ALA A 493 0.15 -19.06 4.22
CA ALA A 493 0.82 -19.90 3.25
C ALA A 493 -0.13 -20.66 2.35
N VAL A 494 0.27 -20.80 1.08
CA VAL A 494 -0.53 -21.49 0.10
C VAL A 494 0.31 -22.57 -0.55
N GLY A 495 -0.34 -23.58 -1.12
CA GLY A 495 0.38 -24.66 -1.77
C GLY A 495 0.37 -24.49 -3.29
N GLY A 498 -1.19 -29.57 -4.80
CA GLY A 498 -1.85 -29.77 -3.52
C GLY A 498 -2.56 -28.50 -3.11
N GLY A 499 -1.76 -27.45 -2.89
CA GLY A 499 -2.27 -26.14 -2.52
C GLY A 499 -3.42 -25.87 -1.57
N HIS A 500 -3.17 -26.04 -0.26
CA HIS A 500 -4.17 -25.76 0.76
C HIS A 500 -3.69 -24.66 1.73
N LEU A 501 -4.41 -23.55 1.73
CA LEU A 501 -4.12 -22.35 2.51
C LEU A 501 -4.25 -22.40 4.02
N LEU A 502 -3.41 -21.64 4.72
CA LEU A 502 -3.45 -21.55 6.18
C LEU A 502 -2.78 -20.29 6.75
N TRP A 503 -3.23 -19.90 7.93
CA TRP A 503 -2.72 -18.71 8.60
C TRP A 503 -1.85 -19.03 9.80
N THR A 504 -0.97 -18.09 10.14
CA THR A 504 -0.08 -18.26 11.29
C THR A 504 -0.03 -16.96 12.04
N LEU A 505 -0.22 -17.05 13.35
CA LEU A 505 -0.14 -15.89 14.22
C LEU A 505 1.07 -16.07 15.12
N PRO A 506 1.75 -14.96 15.46
CA PRO A 506 2.94 -15.00 16.31
C PRO A 506 2.73 -15.69 17.66
N GLU A 507 3.85 -16.16 18.23
CA GLU A 507 3.84 -16.82 19.53
C GLU A 507 3.46 -15.69 20.46
N ALA A 508 2.24 -15.74 20.99
CA ALA A 508 1.70 -14.72 21.89
C ALA A 508 2.63 -13.85 22.78
N GLN A 509 3.79 -14.38 23.24
CA GLN A 509 4.70 -13.67 24.17
C GLN A 509 5.32 -12.28 23.91
N ALA A 510 4.97 -11.40 24.86
CA ALA A 510 5.01 -9.95 24.76
C ALA A 510 6.35 -9.17 24.72
N GLY A 511 6.24 -8.02 24.07
CA GLY A 511 7.19 -6.94 23.98
C GLY A 511 8.06 -6.76 22.77
N GLU A 512 9.32 -7.10 22.96
CA GLU A 512 10.31 -6.97 21.92
C GLU A 512 11.18 -8.19 22.02
N ARG A 513 10.70 -9.37 21.44
CA ARG A 513 11.51 -10.49 21.32
C ARG A 513 12.35 -10.11 20.23
N ILE A 514 13.36 -10.76 19.78
CA ILE A 514 14.22 -10.33 18.71
C ILE A 514 13.45 -10.47 17.41
N PRO A 515 13.59 -9.50 16.51
CA PRO A 515 12.85 -9.59 15.25
C PRO A 515 13.02 -10.94 14.56
N GLN A 516 14.24 -11.31 14.17
CA GLN A 516 14.45 -12.56 13.47
C GLN A 516 13.89 -13.78 14.18
N GLU A 517 13.66 -13.70 15.48
CA GLU A 517 13.10 -14.85 16.18
C GLU A 517 11.61 -14.86 15.92
N VAL A 518 11.01 -13.68 15.83
CA VAL A 518 9.59 -13.55 15.55
C VAL A 518 9.33 -14.10 14.17
N VAL A 519 10.21 -13.74 13.23
CA VAL A 519 10.10 -14.22 11.86
C VAL A 519 10.26 -15.72 11.81
N TRP A 520 11.40 -16.23 12.31
CA TRP A 520 11.63 -17.66 12.31
C TRP A 520 10.47 -18.36 13.00
N ASP A 521 9.97 -17.71 14.05
CA ASP A 521 8.82 -18.22 14.78
C ASP A 521 7.65 -18.42 13.83
N LEU A 522 7.41 -17.43 12.99
CA LEU A 522 6.32 -17.49 12.04
C LEU A 522 6.49 -18.62 11.05
N LEU A 523 7.70 -18.73 10.51
CA LEU A 523 7.98 -19.76 9.54
C LEU A 523 7.92 -21.18 10.14
N GLU A 524 8.50 -21.40 11.32
CA GLU A 524 8.45 -22.75 11.87
C GLU A 524 7.02 -23.18 12.25
N GLU A 525 6.19 -22.22 12.69
CA GLU A 525 4.80 -22.50 13.06
C GLU A 525 4.03 -22.85 11.78
N THR A 526 4.47 -22.25 10.68
CA THR A 526 3.85 -22.49 9.39
C THR A 526 4.32 -23.84 8.85
N LEU A 527 5.60 -24.14 9.00
CA LEU A 527 6.12 -25.41 8.54
C LEU A 527 5.47 -26.56 9.30
N TRP A 528 5.10 -26.31 10.55
CA TRP A 528 4.46 -27.33 11.36
C TRP A 528 3.03 -27.56 10.88
N ALA A 529 2.21 -26.51 10.95
CA ALA A 529 0.81 -26.60 10.54
C ALA A 529 0.68 -27.23 9.16
N PHE A 530 1.69 -27.05 8.31
CA PHE A 530 1.64 -27.62 6.98
C PHE A 530 1.71 -29.13 7.10
N ARG A 531 2.70 -29.58 7.85
CA ARG A 531 2.94 -30.99 8.09
C ARG A 531 1.77 -31.77 8.68
N ARG A 532 1.12 -31.17 9.68
CA ARG A 532 0.00 -31.81 10.36
C ARG A 532 -1.27 -31.82 9.50
N LYS A 533 -1.18 -31.23 8.30
CA LYS A 533 -2.31 -31.18 7.39
C LYS A 533 -2.01 -31.83 6.06
N ALA A 534 -0.73 -31.95 5.72
CA ALA A 534 -0.34 -32.59 4.48
C ALA A 534 0.44 -33.84 4.80
N GLY A 535 0.83 -33.96 6.07
CA GLY A 535 1.60 -35.11 6.53
C GLY A 535 3.04 -35.06 6.07
N ARG A 536 3.33 -34.12 5.18
CA ARG A 536 4.65 -33.97 4.59
C ARG A 536 5.34 -32.65 5.01
N LEU A 537 6.66 -32.59 4.86
CA LEU A 537 7.43 -31.40 5.20
C LEU A 537 8.10 -30.86 3.93
N PRO A 538 7.52 -29.84 3.30
CA PRO A 538 8.03 -29.21 2.07
C PRO A 538 9.53 -29.31 1.85
N SER A 539 9.96 -29.50 0.60
CA SER A 539 11.38 -29.63 0.30
C SER A 539 11.97 -28.27 -0.07
N ARG A 540 11.11 -27.40 -0.61
CA ARG A 540 11.52 -26.05 -1.01
C ARG A 540 10.42 -25.03 -0.71
N VAL A 541 10.81 -23.91 -0.08
CA VAL A 541 9.85 -22.86 0.25
C VAL A 541 10.13 -21.53 -0.45
N LEU A 542 9.07 -20.81 -0.78
CA LEU A 542 9.16 -19.49 -1.39
C LEU A 542 8.70 -18.53 -0.29
N LEU A 543 9.60 -17.65 0.14
CA LEU A 543 9.29 -16.69 1.19
C LEU A 543 8.99 -15.32 0.58
N LEU A 544 7.85 -14.74 0.98
CA LEU A 544 7.44 -13.43 0.46
C LEU A 544 7.22 -12.43 1.59
N ARG A 545 7.80 -11.24 1.43
CA ARG A 545 7.65 -10.18 2.40
C ARG A 545 7.39 -8.91 1.64
N ASN A 546 7.24 -7.82 2.37
CA ASN A 546 6.99 -6.53 1.73
C ASN A 546 8.19 -5.64 1.37
N GLY A 547 9.30 -5.75 2.08
CA GLY A 547 10.45 -4.90 1.77
C GLY A 547 10.60 -3.72 2.74
N ARG A 548 9.51 -3.42 3.46
CA ARG A 548 9.43 -2.37 4.46
C ARG A 548 10.43 -2.58 5.61
N VAL A 549 10.53 -3.83 6.08
CA VAL A 549 11.43 -4.20 7.16
C VAL A 549 12.76 -4.58 6.55
N PRO A 550 13.86 -4.44 7.31
CA PRO A 550 15.20 -4.78 6.82
C PRO A 550 15.27 -6.04 5.95
N GLN A 551 16.00 -7.05 6.39
CA GLN A 551 16.14 -8.30 5.63
C GLN A 551 16.92 -9.22 6.54
N ASP A 552 17.87 -8.62 7.25
CA ASP A 552 18.67 -9.32 8.23
C ASP A 552 17.65 -9.86 9.24
N GLU A 553 16.40 -9.41 9.14
CA GLU A 553 15.36 -9.90 10.03
C GLU A 553 14.94 -11.33 9.69
N PHE A 554 15.31 -11.79 8.50
CA PHE A 554 15.01 -13.15 8.06
C PHE A 554 16.21 -14.08 8.19
N ALA A 555 17.31 -13.58 8.76
CA ALA A 555 18.55 -14.37 8.92
C ALA A 555 18.40 -15.67 9.71
N LEU A 556 17.83 -15.60 10.90
CA LEU A 556 17.64 -16.78 11.73
C LEU A 556 16.77 -17.75 10.93
N ALA A 557 15.71 -17.21 10.35
CA ALA A 557 14.81 -18.02 9.56
C ALA A 557 15.57 -18.76 8.48
N LEU A 558 16.30 -18.03 7.65
CA LEU A 558 17.02 -18.66 6.55
C LEU A 558 17.89 -19.84 6.90
N GLU A 559 18.84 -19.65 7.78
CA GLU A 559 19.67 -20.78 8.08
C GLU A 559 18.99 -21.83 8.92
N ALA A 560 17.85 -21.50 9.53
CA ALA A 560 17.13 -22.52 10.26
C ALA A 560 16.73 -23.49 9.12
N LEU A 561 16.33 -22.91 7.98
CA LEU A 561 15.96 -23.69 6.81
C LEU A 561 17.18 -24.44 6.28
N ALA A 562 18.36 -23.97 6.68
CA ALA A 562 19.61 -24.60 6.26
C ALA A 562 19.80 -25.92 7.02
N ARG A 563 19.65 -25.88 8.34
CA ARG A 563 19.79 -27.07 9.17
C ARG A 563 18.81 -28.19 8.79
N GLU A 564 17.56 -27.83 8.50
CA GLU A 564 16.56 -28.84 8.14
C GLU A 564 16.68 -29.23 6.67
N GLY A 565 17.61 -28.60 5.96
CA GLY A 565 17.83 -28.92 4.56
C GLY A 565 16.75 -28.57 3.53
N ILE A 566 15.93 -27.56 3.81
CA ILE A 566 14.90 -27.18 2.87
C ILE A 566 15.35 -25.93 2.08
N ALA A 567 15.26 -26.00 0.75
CA ALA A 567 15.68 -24.89 -0.12
C ALA A 567 14.72 -23.70 -0.04
N TYR A 568 15.24 -22.52 -0.33
CA TYR A 568 14.40 -21.33 -0.24
C TYR A 568 14.72 -20.25 -1.22
N ASP A 569 13.86 -19.24 -1.18
CA ASP A 569 13.97 -18.04 -1.98
C ASP A 569 13.27 -16.93 -1.21
N LEU A 570 13.99 -15.84 -0.96
CA LEU A 570 13.43 -14.70 -0.27
C LEU A 570 13.15 -13.66 -1.35
N VAL A 571 11.89 -13.28 -1.51
CA VAL A 571 11.49 -12.28 -2.51
C VAL A 571 10.68 -11.15 -1.87
N SER A 572 11.11 -9.91 -2.10
CA SER A 572 10.41 -8.74 -1.56
C SER A 572 9.49 -8.17 -2.64
N VAL A 573 8.30 -7.73 -2.22
CA VAL A 573 7.29 -7.20 -3.12
C VAL A 573 6.79 -5.82 -2.75
N ARG A 574 7.02 -4.84 -3.61
CA ARG A 574 6.59 -3.46 -3.36
C ARG A 574 5.33 -3.12 -4.16
N LYS A 575 4.32 -2.58 -3.47
CA LYS A 575 3.06 -2.21 -4.08
C LYS A 575 3.18 -1.03 -5.02
N SER A 576 4.21 -0.22 -4.82
CA SER A 576 4.40 0.94 -5.66
C SER A 576 5.89 1.18 -5.90
N GLY A 577 6.20 2.18 -6.72
CA GLY A 577 7.59 2.47 -7.03
C GLY A 577 8.03 1.62 -8.20
N GLY A 578 7.09 0.85 -8.76
CA GLY A 578 7.41 0.02 -9.89
C GLY A 578 7.26 0.79 -11.19
N GLY A 579 7.05 2.10 -11.10
CA GLY A 579 6.91 2.90 -12.31
C GLY A 579 5.71 2.47 -13.15
N ARG A 580 5.88 2.51 -14.48
CA ARG A 580 4.81 2.13 -15.40
C ARG A 580 5.44 1.33 -16.55
N VAL A 581 4.64 0.49 -17.20
CA VAL A 581 5.15 -0.30 -18.31
C VAL A 581 4.17 -0.19 -19.46
N TYR A 582 4.65 0.25 -20.63
CA TYR A 582 3.82 0.40 -21.82
C TYR A 582 4.50 -0.36 -22.96
N PRO A 583 3.71 -1.01 -23.82
CA PRO A 583 4.33 -1.75 -24.93
C PRO A 583 4.76 -0.79 -26.04
N VAL A 584 5.54 -1.31 -26.98
CA VAL A 584 5.98 -0.50 -28.11
C VAL A 584 5.00 -0.81 -29.23
N GLN A 585 4.31 -1.94 -29.10
CA GLN A 585 3.32 -2.40 -30.07
C GLN A 585 2.41 -3.44 -29.42
N GLY A 586 1.16 -3.49 -29.86
CA GLY A 586 0.21 -4.43 -29.31
C GLY A 586 -0.48 -3.81 -28.10
N ARG A 587 -1.33 -4.59 -27.43
CA ARG A 587 -2.03 -4.10 -26.25
C ARG A 587 -1.41 -4.63 -24.96
N LEU A 588 -1.70 -3.96 -23.85
CA LEU A 588 -1.18 -4.39 -22.56
C LEU A 588 -1.62 -5.84 -22.35
N ALA A 589 -0.67 -6.73 -22.09
CA ALA A 589 -0.98 -8.14 -21.87
C ALA A 589 -0.78 -8.57 -20.41
N ASP A 590 -1.64 -9.45 -19.92
CA ASP A 590 -1.56 -9.92 -18.55
C ASP A 590 -0.56 -11.04 -18.33
N GLY A 591 0.26 -10.88 -17.28
CA GLY A 591 1.28 -11.87 -16.99
C GLY A 591 2.56 -11.40 -17.66
N LEU A 592 2.91 -10.16 -17.36
CA LEU A 592 4.09 -9.55 -17.95
C LEU A 592 5.20 -9.45 -16.94
N TYR A 593 6.35 -9.99 -17.31
CA TYR A 593 7.54 -9.98 -16.46
C TYR A 593 8.63 -9.11 -17.10
N VAL A 594 9.18 -8.17 -16.34
CA VAL A 594 10.20 -7.27 -16.86
C VAL A 594 11.45 -7.14 -16.01
N PRO A 595 12.52 -7.84 -16.39
CA PRO A 595 13.79 -7.78 -15.65
C PRO A 595 14.39 -6.38 -15.68
N LEU A 596 15.01 -5.96 -14.58
CA LEU A 596 15.62 -4.64 -14.52
C LEU A 596 17.06 -4.82 -14.03
N GLU A 597 17.52 -3.89 -13.19
CA GLU A 597 18.86 -4.01 -12.60
C GLU A 597 18.69 -5.37 -11.95
N ASP A 598 19.71 -6.21 -11.89
CA ASP A 598 19.39 -7.51 -11.34
C ASP A 598 19.13 -7.74 -9.86
N LYS A 599 18.51 -8.89 -9.64
CA LYS A 599 18.06 -9.38 -8.35
C LYS A 599 16.68 -8.72 -8.21
N THR A 600 16.34 -7.84 -9.16
CA THR A 600 15.06 -7.13 -9.14
C THR A 600 14.37 -7.11 -10.52
N PHE A 601 13.05 -7.02 -10.52
CA PHE A 601 12.24 -7.00 -11.75
C PHE A 601 10.80 -6.53 -11.53
N LEU A 602 10.09 -6.31 -12.64
CA LEU A 602 8.70 -5.86 -12.61
C LEU A 602 7.74 -6.97 -12.99
N LEU A 603 6.52 -6.86 -12.51
CA LEU A 603 5.51 -7.85 -12.79
C LEU A 603 4.15 -7.17 -12.91
N LEU A 604 3.47 -7.44 -14.02
CA LEU A 604 2.16 -6.89 -14.25
C LEU A 604 1.22 -8.06 -14.11
N THR A 605 0.69 -8.22 -12.91
CA THR A 605 -0.18 -9.34 -12.56
C THR A 605 -1.61 -9.18 -13.03
N VAL A 606 -1.98 -7.94 -13.32
CA VAL A 606 -3.33 -7.66 -13.76
C VAL A 606 -3.41 -6.41 -14.60
N HIS A 607 -4.46 -6.37 -15.41
CA HIS A 607 -4.80 -5.25 -16.25
C HIS A 607 -6.24 -5.58 -16.51
N ARG A 608 -7.13 -5.00 -15.70
CA ARG A 608 -8.54 -5.34 -15.85
C ARG A 608 -9.59 -4.32 -16.30
N ASP A 609 -9.15 -3.16 -16.78
CA ASP A 609 -10.07 -2.19 -17.34
C ASP A 609 -9.25 -1.24 -18.17
N PHE A 610 -9.91 -0.45 -19.00
CA PHE A 610 -9.18 0.42 -19.90
C PHE A 610 -9.40 1.90 -19.67
N ARG A 611 -9.90 2.19 -18.50
CA ARG A 611 -10.16 3.54 -18.06
C ARG A 611 -9.04 3.82 -17.05
N GLY A 612 -8.18 2.81 -16.86
CA GLY A 612 -7.07 2.94 -15.93
C GLY A 612 -5.78 2.32 -16.47
N THR A 613 -4.68 2.61 -15.79
CA THR A 613 -3.38 2.08 -16.19
C THR A 613 -2.87 1.14 -15.10
N PRO A 614 -2.43 -0.07 -15.48
CA PRO A 614 -1.92 -1.03 -14.48
C PRO A 614 -0.71 -0.53 -13.69
N ARG A 615 -0.60 -0.99 -12.44
CA ARG A 615 0.52 -0.65 -11.56
C ARG A 615 1.36 -1.87 -11.28
N PRO A 616 2.49 -2.00 -11.97
CA PRO A 616 3.39 -3.13 -11.79
C PRO A 616 3.93 -3.28 -10.38
N LEU A 617 4.08 -4.53 -9.96
CA LEU A 617 4.64 -4.83 -8.66
C LEU A 617 6.14 -4.81 -8.89
N LYS A 618 6.92 -4.40 -7.90
CA LYS A 618 8.36 -4.41 -8.07
C LYS A 618 8.93 -5.45 -7.10
N LEU A 619 9.64 -6.43 -7.64
CA LEU A 619 10.17 -7.49 -6.81
C LEU A 619 11.67 -7.56 -6.75
N VAL A 620 12.18 -8.17 -5.66
CA VAL A 620 13.60 -8.32 -5.45
C VAL A 620 13.93 -9.68 -4.84
N HIS A 621 14.77 -10.42 -5.56
CA HIS A 621 15.27 -11.74 -5.16
C HIS A 621 16.39 -11.39 -4.19
N GLU A 622 16.11 -11.43 -2.90
CA GLU A 622 17.11 -11.06 -1.91
C GLU A 622 17.91 -12.23 -1.36
N ALA A 623 17.55 -13.44 -1.78
CA ALA A 623 18.24 -14.64 -1.32
C ALA A 623 17.64 -15.84 -2.04
N GLY A 624 18.50 -16.78 -2.43
CA GLY A 624 18.00 -17.96 -3.12
C GLY A 624 18.65 -18.14 -4.49
N ASP A 625 18.56 -19.36 -5.03
CA ASP A 625 19.15 -19.66 -6.33
C ASP A 625 18.18 -19.97 -7.49
N THR A 626 16.87 -19.96 -7.24
CA THR A 626 15.90 -20.24 -8.31
C THR A 626 15.93 -19.13 -9.38
N PRO A 627 15.90 -19.51 -10.66
CA PRO A 627 15.92 -18.50 -11.73
C PRO A 627 14.74 -17.49 -11.71
N LEU A 628 15.06 -16.20 -11.91
CA LEU A 628 14.06 -15.11 -11.91
C LEU A 628 12.80 -15.38 -12.72
N GLU A 629 12.92 -15.98 -13.90
CA GLU A 629 11.70 -16.25 -14.66
C GLU A 629 10.85 -17.23 -13.85
N ALA A 630 11.50 -18.22 -13.24
CA ALA A 630 10.82 -19.23 -12.44
C ALA A 630 10.10 -18.57 -11.27
N LEU A 631 10.74 -17.56 -10.67
CA LEU A 631 10.16 -16.82 -9.56
C LEU A 631 8.93 -16.07 -10.06
N ALA A 632 9.13 -15.28 -11.13
CA ALA A 632 8.07 -14.49 -11.73
C ALA A 632 6.85 -15.34 -12.02
N HIS A 633 7.10 -16.48 -12.67
CA HIS A 633 6.07 -17.44 -13.08
C HIS A 633 5.18 -17.86 -11.90
N GLN A 634 5.81 -18.32 -10.83
CA GLN A 634 5.09 -18.78 -9.65
C GLN A 634 4.37 -17.62 -8.94
N ILE A 635 5.07 -16.52 -8.68
CA ILE A 635 4.49 -15.36 -8.02
C ILE A 635 3.29 -14.84 -8.83
N PHE A 636 3.31 -15.08 -10.13
CA PHE A 636 2.20 -14.64 -10.97
C PHE A 636 1.00 -15.56 -10.75
N HIS A 637 1.28 -16.86 -10.65
CA HIS A 637 0.23 -17.84 -10.46
C HIS A 637 -0.44 -17.73 -9.07
N LEU A 638 0.38 -17.45 -8.05
CA LEU A 638 -0.12 -17.31 -6.67
C LEU A 638 -1.22 -16.26 -6.62
N THR A 639 -1.21 -15.43 -7.64
CA THR A 639 -2.16 -14.36 -7.81
C THR A 639 -3.57 -14.87 -8.11
N ARG A 640 -3.72 -16.11 -8.57
CA ARG A 640 -5.05 -16.63 -8.88
C ARG A 640 -5.61 -17.56 -7.80
N LEU A 641 -4.94 -17.57 -6.65
CA LEU A 641 -5.37 -18.42 -5.55
C LEU A 641 -6.02 -17.74 -4.35
N TYR A 642 -6.62 -16.59 -4.56
CA TYR A 642 -7.32 -15.96 -3.44
C TYR A 642 -8.72 -16.58 -3.49
N PRO A 643 -9.23 -17.05 -2.35
CA PRO A 643 -10.56 -17.67 -2.25
C PRO A 643 -11.77 -16.76 -2.10
N ALA A 644 -11.60 -15.63 -1.41
CA ALA A 644 -12.70 -14.70 -1.14
C ALA A 644 -13.17 -13.79 -2.27
N SER A 645 -12.48 -13.75 -3.41
CA SER A 645 -12.90 -12.88 -4.51
C SER A 645 -13.87 -13.54 -5.51
N GLY A 646 -13.41 -14.48 -6.32
CA GLY A 646 -14.37 -15.10 -7.21
C GLY A 646 -14.78 -14.39 -8.50
N PHE A 647 -14.56 -13.09 -8.63
CA PHE A 647 -14.90 -12.37 -9.86
C PHE A 647 -13.73 -11.52 -10.36
N ALA A 648 -12.68 -11.42 -9.56
CA ALA A 648 -11.52 -10.63 -9.95
C ALA A 648 -10.32 -10.99 -9.10
N PHE A 649 -9.16 -11.12 -9.73
CA PHE A 649 -7.95 -11.47 -8.99
C PHE A 649 -7.24 -10.29 -8.38
N PRO A 650 -6.57 -10.50 -7.25
CA PRO A 650 -5.84 -9.43 -6.58
C PRO A 650 -4.53 -9.20 -7.39
N ARG A 651 -3.87 -8.08 -7.16
CA ARG A 651 -2.62 -7.78 -7.83
C ARG A 651 -1.48 -8.47 -7.08
N LEU A 652 -1.66 -8.61 -5.78
CA LEU A 652 -0.67 -9.25 -4.94
C LEU A 652 -0.89 -10.75 -4.93
N PRO A 653 0.19 -11.52 -4.77
CA PRO A 653 0.03 -12.98 -4.74
C PRO A 653 -0.73 -13.36 -3.46
N ALA A 654 -1.61 -14.35 -3.59
CA ALA A 654 -2.45 -14.83 -2.49
C ALA A 654 -1.82 -14.77 -1.09
N PRO A 655 -0.61 -15.33 -0.92
CA PRO A 655 0.06 -15.31 0.40
C PRO A 655 0.15 -13.93 1.07
N LEU A 656 0.57 -12.91 0.31
CA LEU A 656 0.68 -11.56 0.85
C LEU A 656 -0.67 -10.89 0.99
N HIS A 657 -1.55 -11.10 0.03
CA HIS A 657 -2.87 -10.50 0.12
C HIS A 657 -3.61 -11.05 1.36
N LEU A 658 -3.40 -12.33 1.67
CA LEU A 658 -4.04 -12.94 2.82
C LEU A 658 -3.46 -12.46 4.13
N ALA A 659 -2.14 -12.44 4.25
CA ALA A 659 -1.51 -12.00 5.50
C ALA A 659 -1.92 -10.59 5.88
N ASP A 660 -1.95 -9.68 4.90
CA ASP A 660 -2.34 -8.32 5.21
C ASP A 660 -3.75 -8.32 5.79
N ARG A 661 -4.66 -9.01 5.13
CA ARG A 661 -6.03 -9.07 5.62
C ARG A 661 -6.09 -9.67 7.01
N LEU A 662 -5.16 -10.56 7.31
CA LEU A 662 -5.12 -11.22 8.60
C LEU A 662 -4.63 -10.25 9.67
N VAL A 663 -3.65 -9.42 9.30
CA VAL A 663 -3.10 -8.43 10.22
C VAL A 663 -4.15 -7.37 10.48
N LYS A 664 -4.94 -7.10 9.45
CA LYS A 664 -5.98 -6.10 9.58
C LYS A 664 -7.03 -6.60 10.57
N GLU A 665 -7.56 -7.79 10.30
CA GLU A 665 -8.57 -8.36 11.17
C GLU A 665 -8.11 -8.53 12.61
N VAL A 666 -6.84 -8.91 12.79
CA VAL A 666 -6.30 -9.10 14.14
C VAL A 666 -6.45 -7.83 14.95
N GLY A 667 -6.10 -6.70 14.35
CA GLY A 667 -6.23 -5.42 15.02
C GLY A 667 -7.70 -5.03 15.22
N ARG A 668 -8.50 -5.16 14.16
CA ARG A 668 -9.92 -4.81 14.23
C ARG A 668 -10.68 -5.58 15.29
N LEU A 669 -10.44 -6.89 15.36
CA LEU A 669 -11.08 -7.66 16.40
C LEU A 669 -9.94 -7.57 17.41
N GLY A 670 -9.99 -8.29 18.53
CA GLY A 670 -8.89 -8.19 19.47
C GLY A 670 -8.24 -9.54 19.71
N ILE A 671 -7.71 -10.17 18.66
CA ILE A 671 -7.15 -11.49 18.84
C ILE A 671 -5.84 -11.69 19.57
N ARG A 672 -5.88 -12.63 20.50
CA ARG A 672 -4.73 -13.00 21.31
C ARG A 672 -4.54 -14.51 21.19
N HIS A 673 -5.55 -15.26 21.64
CA HIS A 673 -5.51 -16.71 21.58
C HIS A 673 -6.63 -17.33 20.74
N LEU A 674 -6.60 -17.19 19.43
CA LEU A 674 -7.61 -17.85 18.61
C LEU A 674 -7.21 -19.30 18.78
N LYS A 675 -7.76 -19.93 19.82
CA LYS A 675 -7.40 -21.30 20.12
C LYS A 675 -8.29 -22.42 19.57
N GLU A 676 -9.55 -22.14 19.28
CA GLU A 676 -10.39 -23.22 18.74
C GLU A 676 -10.55 -23.20 17.22
N VAL A 677 -9.98 -22.20 16.54
CA VAL A 677 -10.11 -22.14 15.08
C VAL A 677 -9.00 -22.89 14.33
N ASP A 678 -9.41 -23.81 13.46
CA ASP A 678 -8.48 -24.59 12.66
C ASP A 678 -7.67 -23.64 11.79
N ARG A 679 -6.41 -23.95 11.56
CA ARG A 679 -5.56 -23.07 10.78
C ARG A 679 -5.78 -22.98 9.28
N GLU A 680 -6.65 -23.85 8.76
CA GLU A 680 -6.97 -23.81 7.35
C GLU A 680 -8.28 -23.06 7.14
N LYS A 681 -8.89 -22.61 8.24
CA LYS A 681 -10.12 -21.86 8.15
C LYS A 681 -9.74 -20.38 8.08
N LEU A 682 -9.84 -19.81 6.89
CA LEU A 682 -9.47 -18.43 6.68
C LEU A 682 -10.53 -17.50 7.24
N PHE A 683 -10.66 -17.47 8.56
CA PHE A 683 -11.68 -16.66 9.23
C PHE A 683 -11.65 -15.18 8.91
N PHE A 684 -10.49 -14.69 8.50
CA PHE A 684 -10.28 -13.27 8.26
C PHE A 684 -10.62 -12.64 6.91
N VAL A 685 -11.00 -13.41 5.91
CA VAL A 685 -11.27 -12.82 4.60
C VAL A 685 -12.59 -12.03 4.46
MG MG D . -14.61 -10.69 4.21
#